data_8B9G
#
_entry.id   8B9G
#
_cell.length_a   1.00
_cell.length_b   1.00
_cell.length_c   1.00
_cell.angle_alpha   90.00
_cell.angle_beta   90.00
_cell.angle_gamma   90.00
#
_symmetry.space_group_name_H-M   'P 1'
#
loop_
_entity.id
_entity.type
_entity.pdbx_description
1 polymer 'Dosage compensation regulator'
2 polymer "RNA (5'-R(P*UP*UP*UP*UP*UP*UP*UP*UP*UP*UP*U)-3')"
3 non-polymer "ADENOSINE-5'-DIPHOSPHATE"
4 non-polymer 'TETRAFLUOROALUMINATE ION'
5 water water
#
loop_
_entity_poly.entity_id
_entity_poly.type
_entity_poly.pdbx_seq_one_letter_code
_entity_poly.pdbx_strand_id
1 'polypeptide(L)'
;MDIKSFLYQFCAKSQIEPKFDIRQTGPKNRQRFLCEVRVEPNTYIGVGNSTNKKDAEKNACRDFVNYLVRVGKLNTNDVP
ADAGASGGGPRTGLEGAGMAGGSGQQKRVFDGQSGPQDLGEAYRPLNHDGGDGGNRYSVIDRIQEQRDMNEAEAFDVNAA
IHGNWTIENAKERLNIYKQTNNIRDDYKYTPVGPEHARSFLAELSIYVPALNRTVTARESGSNKKSASKSCALSLVRQLF
HLNVIEPFSGTLKKKKDEQLKPYPVKLSPNLINKIDEVIKGLDLPVVNPRNIKIELDGPPIPLIVNLSRIDSSQQDGEKR
QESSVIPWAPPQANWNTWHACNIDEGELATTSIDDLSMDYERSLRDRRQNDNEYRQFLEFREKLPIAAMRSEILTAINDN
PVVIIRGNTGCGKTTQIAQYILDDYICSGQGGYANIYVTQPRRISAISVAERVARERCEQLGDTVGYSVRFESVFPRPYG
AILFCTVGVLLRKLEAGLRGVSHIIVDEIHERDVNSDFLLVILRDMVDTYPDLHVILMSATIDTTKFSKYFGICPVLEVP
GRAFPVQQFFLEDIIQMTDFVPSAESRRKRKEVEDEEQLLSEDKDEAEINYNKVCEDKYSQKTRNAMAMLSESDVSFELL
EALLMHIKSKNIPGAILVFLPGWNLIFALMKFLQNTNIFGDTSQYQILPCHSQIPRDEQRKVFEPVPEGVTKIILSTNIA
ETSITIDDIVFVIDICKARMKLFTSHNNLTSYATVWASKTNLEQRKGRAGRVRPGFCFTLCSRARFQALEDNLTPEMFRT
PLHEMALTIKLLRLGSIHHFLSKALEPPPVDAVIEAEVLLREMRCLDANDELTPLGRLLARLPIEPRLGKMMVLGAVFGC
ADLMAIMASYSSTFSEVFSLDIGQRRLANHQKALSGTKCSDHVAMIVASQMWRREKQRGEHMEARFCDWKGLQMSTMNVI
WDAKQQLLDLLQQAGFPEECMISHEVDERIDGDDPVLDVSLALLCLGLYPNICVHKEKRKVLTTESKAALLHKTSVNCSN
LAVTFPYPFFVFGEKIRTRAVSCKQLSMVSPLQVILFGSRKIDLAANNIVRVDNWLNFDIEPELAAKIGALKPALEDLIT
VACDNPSDILRLEEPYAQLVKVVKDLCVKSAGDFGLQRE
;
A
2 'polyribonucleotide' UUUUUUUUUU C
#
# COMPACT_ATOMS: atom_id res chain seq x y z
N GLU A 145 -27.11 20.43 2.92
CA GLU A 145 -26.93 19.06 2.45
C GLU A 145 -26.27 19.03 1.08
N GLN A 146 -25.13 18.34 1.00
CA GLN A 146 -24.33 18.15 -0.21
C GLN A 146 -23.59 19.43 -0.60
N ARG A 147 -23.99 20.56 -0.03
CA ARG A 147 -23.15 21.75 -0.15
C ARG A 147 -21.94 21.65 0.77
N ASP A 148 -22.13 21.06 1.95
CA ASP A 148 -21.00 20.78 2.81
C ASP A 148 -20.00 19.83 2.14
N MET A 149 -20.50 18.80 1.47
CA MET A 149 -19.62 17.93 0.67
C MET A 149 -18.95 18.64 -0.47
N ASN A 150 -19.67 19.50 -1.20
CA ASN A 150 -19.02 20.24 -2.28
C ASN A 150 -17.92 21.15 -1.76
N GLU A 151 -18.16 21.85 -0.65
CA GLU A 151 -17.13 22.72 -0.09
C GLU A 151 -15.95 21.92 0.44
N ALA A 152 -16.23 20.76 1.06
CA ALA A 152 -15.16 19.89 1.55
C ALA A 152 -14.29 19.39 0.41
N GLU A 153 -14.91 19.01 -0.71
CA GLU A 153 -14.13 18.57 -1.87
C GLU A 153 -13.38 19.74 -2.51
N ALA A 154 -13.96 20.94 -2.46
CA ALA A 154 -13.32 22.11 -3.05
C ALA A 154 -12.24 22.71 -2.17
N PHE A 155 -12.10 22.25 -0.94
CA PHE A 155 -11.03 22.72 -0.06
C PHE A 155 -9.66 22.49 -0.70
N ASP A 156 -8.78 23.48 -0.57
CA ASP A 156 -7.46 23.48 -1.19
C ASP A 156 -6.41 23.64 -0.10
N VAL A 157 -5.40 22.78 -0.10
CA VAL A 157 -4.40 22.77 0.97
C VAL A 157 -3.07 23.33 0.51
N ASN A 158 -2.79 23.25 -0.78
CA ASN A 158 -1.42 23.45 -1.26
C ASN A 158 -1.38 24.33 -2.50
N ALA A 159 -2.31 25.27 -2.61
CA ALA A 159 -2.26 26.20 -3.73
C ALA A 159 -1.03 27.08 -3.70
N ALA A 160 -0.40 27.24 -2.54
CA ALA A 160 0.75 28.15 -2.42
C ALA A 160 1.93 27.64 -3.23
N ILE A 161 2.15 26.33 -3.26
CA ILE A 161 3.31 25.77 -3.95
C ILE A 161 3.05 25.50 -5.42
N HIS A 162 1.82 25.63 -5.89
CA HIS A 162 1.46 25.41 -7.28
C HIS A 162 1.13 26.71 -8.00
N GLY A 163 1.85 27.78 -7.67
CA GLY A 163 1.62 29.06 -8.34
C GLY A 163 0.26 29.66 -8.09
N ASN A 164 -0.30 29.43 -6.90
CA ASN A 164 -1.57 30.02 -6.49
C ASN A 164 -2.72 29.59 -7.39
N TRP A 165 -2.70 28.36 -7.88
CA TRP A 165 -3.77 27.81 -8.70
C TRP A 165 -4.67 26.93 -7.85
N THR A 166 -5.97 27.22 -7.85
CA THR A 166 -6.90 26.58 -6.95
C THR A 166 -8.12 26.12 -7.74
N ILE A 167 -9.10 25.56 -7.02
CA ILE A 167 -10.29 25.01 -7.66
C ILE A 167 -11.07 26.11 -8.38
N GLU A 168 -11.26 27.25 -7.73
CA GLU A 168 -12.17 28.27 -8.24
C GLU A 168 -11.55 29.17 -9.30
N ASN A 169 -10.36 28.85 -9.80
CA ASN A 169 -9.82 29.50 -10.99
C ASN A 169 -9.23 28.51 -11.97
N ALA A 170 -9.05 27.25 -11.58
CA ALA A 170 -8.39 26.26 -12.43
C ALA A 170 -9.18 26.02 -13.71
N LYS A 171 -10.49 25.83 -13.60
CA LYS A 171 -11.29 25.54 -14.79
C LYS A 171 -11.33 26.74 -15.73
N GLU A 172 -11.42 27.94 -15.18
CA GLU A 172 -11.41 29.14 -16.03
C GLU A 172 -10.10 29.26 -16.78
N ARG A 173 -8.97 29.05 -16.09
CA ARG A 173 -7.68 29.11 -16.75
C ARG A 173 -7.53 28.02 -17.80
N LEU A 174 -8.02 26.81 -17.50
CA LEU A 174 -7.95 25.72 -18.48
C LEU A 174 -8.78 26.02 -19.71
N ASN A 175 -9.97 26.59 -19.52
CA ASN A 175 -10.79 26.98 -20.66
C ASN A 175 -10.10 28.05 -21.50
N ILE A 176 -9.46 29.01 -20.84
CA ILE A 176 -8.70 30.02 -21.59
C ILE A 176 -7.60 29.37 -22.41
N TYR A 177 -6.86 28.44 -21.80
CA TYR A 177 -5.78 27.76 -22.52
C TYR A 177 -6.32 26.97 -23.70
N LYS A 178 -7.43 26.26 -23.51
CA LYS A 178 -8.04 25.49 -24.59
C LYS A 178 -8.47 26.39 -25.73
N GLN A 179 -9.11 27.52 -25.42
CA GLN A 179 -9.56 28.44 -26.47
C GLN A 179 -8.38 29.06 -27.20
N THR A 180 -7.31 29.40 -26.47
CA THR A 180 -6.15 30.02 -27.10
C THR A 180 -5.42 29.03 -28.01
N ASN A 181 -5.27 27.78 -27.58
CA ASN A 181 -4.50 26.79 -28.30
C ASN A 181 -5.34 25.91 -29.21
N ASN A 182 -6.65 26.20 -29.33
CA ASN A 182 -7.57 25.42 -30.14
C ASN A 182 -7.57 23.95 -29.71
N ILE A 183 -7.53 23.74 -28.39
CA ILE A 183 -7.55 22.39 -27.83
C ILE A 183 -9.01 21.95 -27.72
N ARG A 184 -9.36 20.91 -28.47
CA ARG A 184 -10.73 20.41 -28.52
C ARG A 184 -10.99 19.29 -27.52
N ASP A 185 -10.01 18.93 -26.71
CA ASP A 185 -10.18 17.86 -25.75
C ASP A 185 -11.21 18.23 -24.69
N ASP A 186 -12.04 17.27 -24.32
CA ASP A 186 -13.10 17.47 -23.35
C ASP A 186 -13.02 16.39 -22.27
N TYR A 187 -13.60 16.69 -21.11
CA TYR A 187 -13.60 15.77 -19.99
C TYR A 187 -14.35 14.50 -20.36
N LYS A 188 -13.82 13.36 -19.90
CA LYS A 188 -14.51 12.08 -20.01
C LYS A 188 -14.73 11.53 -18.60
N TYR A 189 -15.92 11.01 -18.38
CA TYR A 189 -16.38 10.63 -17.04
C TYR A 189 -16.55 9.13 -16.97
N THR A 190 -15.99 8.53 -15.92
CA THR A 190 -16.14 7.10 -15.69
C THR A 190 -17.00 6.90 -14.45
N PRO A 191 -18.26 6.47 -14.58
CA PRO A 191 -19.06 6.19 -13.39
C PRO A 191 -18.39 5.12 -12.53
N VAL A 192 -18.34 5.38 -11.23
CA VAL A 192 -17.59 4.54 -10.30
C VAL A 192 -18.53 4.15 -9.16
N GLY A 193 -18.49 2.87 -8.80
CA GLY A 193 -19.23 2.38 -7.66
C GLY A 193 -20.66 2.03 -7.99
N PRO A 194 -21.37 1.47 -7.02
CA PRO A 194 -22.78 1.10 -7.25
C PRO A 194 -23.69 2.32 -7.29
N GLU A 195 -25.00 2.08 -7.43
CA GLU A 195 -25.95 3.19 -7.51
C GLU A 195 -25.99 4.00 -6.22
N HIS A 196 -25.94 3.33 -5.08
CA HIS A 196 -25.99 4.02 -3.79
C HIS A 196 -24.65 4.59 -3.36
N ALA A 197 -23.56 4.23 -4.03
CA ALA A 197 -22.23 4.74 -3.70
C ALA A 197 -21.54 5.27 -4.95
N ARG A 198 -22.33 5.86 -5.85
CA ARG A 198 -21.80 6.33 -7.12
C ARG A 198 -20.82 7.49 -6.93
N SER A 199 -19.63 7.35 -7.51
CA SER A 199 -18.63 8.41 -7.60
C SER A 199 -18.21 8.52 -9.05
N PHE A 200 -17.34 9.49 -9.35
CA PHE A 200 -16.92 9.70 -10.72
C PHE A 200 -15.41 9.90 -10.81
N LEU A 201 -14.84 9.40 -11.91
CA LEU A 201 -13.47 9.69 -12.30
C LEU A 201 -13.51 10.58 -13.52
N ALA A 202 -12.71 11.64 -13.51
CA ALA A 202 -12.63 12.58 -14.62
C ALA A 202 -11.24 12.52 -15.23
N GLU A 203 -11.18 12.42 -16.55
CA GLU A 203 -9.94 12.30 -17.30
C GLU A 203 -9.87 13.40 -18.35
N LEU A 204 -8.67 13.93 -18.56
CA LEU A 204 -8.45 14.90 -19.62
C LEU A 204 -6.96 14.97 -19.91
N SER A 205 -6.59 14.85 -21.18
CA SER A 205 -5.21 14.94 -21.62
C SER A 205 -5.09 16.06 -22.64
N ILE A 206 -4.11 16.92 -22.47
CA ILE A 206 -3.83 18.01 -23.40
C ILE A 206 -2.41 17.87 -23.90
N TYR A 207 -2.24 17.83 -25.22
CA TYR A 207 -0.93 17.76 -25.83
C TYR A 207 -0.33 19.16 -25.93
N VAL A 208 0.93 19.27 -25.55
CA VAL A 208 1.65 20.54 -25.61
C VAL A 208 2.64 20.49 -26.77
N PRO A 209 2.41 21.24 -27.84
CA PRO A 209 3.37 21.24 -28.95
C PRO A 209 4.76 21.73 -28.56
N ALA A 210 4.85 22.69 -27.65
CA ALA A 210 6.14 23.23 -27.27
C ALA A 210 7.02 22.18 -26.60
N LEU A 211 6.43 21.39 -25.70
CA LEU A 211 7.15 20.35 -24.99
C LEU A 211 7.06 19.00 -25.68
N ASN A 212 6.28 18.88 -26.76
CA ASN A 212 6.06 17.61 -27.45
C ASN A 212 5.57 16.56 -26.46
N ARG A 213 4.72 16.99 -25.53
CA ARG A 213 4.29 16.16 -24.42
C ARG A 213 2.78 16.23 -24.31
N THR A 214 2.20 15.13 -23.83
CA THR A 214 0.78 15.07 -23.49
C THR A 214 0.65 15.17 -21.98
N VAL A 215 0.05 16.25 -21.51
CA VAL A 215 -0.16 16.48 -20.09
C VAL A 215 -1.51 15.90 -19.72
N THR A 216 -1.52 14.96 -18.78
CA THR A 216 -2.73 14.22 -18.43
C THR A 216 -3.07 14.45 -16.96
N ALA A 217 -4.37 14.44 -16.66
CA ALA A 217 -4.87 14.54 -15.31
C ALA A 217 -5.90 13.44 -15.08
N ARG A 218 -5.88 12.86 -13.88
CA ARG A 218 -6.74 11.73 -13.54
C ARG A 218 -7.21 11.92 -12.11
N GLU A 219 -8.44 12.40 -11.94
CA GLU A 219 -8.93 12.79 -10.63
C GLU A 219 -10.32 12.22 -10.43
N SER A 220 -10.73 12.16 -9.17
CA SER A 220 -12.03 11.63 -8.78
C SER A 220 -12.82 12.67 -8.01
N GLY A 221 -14.12 12.43 -7.88
CA GLY A 221 -14.98 13.34 -7.15
C GLY A 221 -16.32 12.68 -6.87
N SER A 222 -17.04 13.27 -5.91
CA SER A 222 -18.35 12.74 -5.55
C SER A 222 -19.37 12.95 -6.66
N ASN A 223 -19.13 13.92 -7.54
CA ASN A 223 -19.99 14.14 -8.70
C ASN A 223 -19.15 14.67 -9.84
N LYS A 224 -19.81 14.86 -10.99
CA LYS A 224 -19.11 15.24 -12.22
C LYS A 224 -18.43 16.60 -12.07
N LYS A 225 -19.12 17.57 -11.47
CA LYS A 225 -18.56 18.90 -11.35
C LYS A 225 -17.30 18.90 -10.50
N SER A 226 -17.35 18.21 -9.35
CA SER A 226 -16.18 18.14 -8.48
C SER A 226 -15.03 17.39 -9.15
N ALA A 227 -15.33 16.27 -9.82
CA ALA A 227 -14.28 15.51 -10.48
C ALA A 227 -13.62 16.33 -11.58
N SER A 228 -14.43 17.03 -12.38
CA SER A 228 -13.89 17.84 -13.45
C SER A 228 -13.08 19.02 -12.90
N LYS A 229 -13.54 19.62 -11.80
CA LYS A 229 -12.78 20.69 -11.18
C LYS A 229 -11.42 20.21 -10.68
N SER A 230 -11.39 19.03 -10.04
CA SER A 230 -10.12 18.48 -9.59
C SER A 230 -9.20 18.15 -10.76
N CYS A 231 -9.77 17.58 -11.83
CA CYS A 231 -8.96 17.26 -13.01
C CYS A 231 -8.38 18.51 -13.65
N ALA A 232 -9.20 19.56 -13.77
CA ALA A 232 -8.70 20.82 -14.30
C ALA A 232 -7.61 21.40 -13.41
N LEU A 233 -7.79 21.30 -12.09
CA LEU A 233 -6.78 21.80 -11.17
C LEU A 233 -5.46 21.07 -11.35
N SER A 234 -5.52 19.74 -11.43
CA SER A 234 -4.32 18.94 -11.61
C SER A 234 -3.62 19.31 -12.92
N LEU A 235 -4.38 19.40 -14.00
CA LEU A 235 -3.79 19.67 -15.30
C LEU A 235 -3.20 21.08 -15.37
N VAL A 236 -3.87 22.05 -14.74
CA VAL A 236 -3.37 23.42 -14.75
C VAL A 236 -2.12 23.55 -13.90
N ARG A 237 -2.08 22.88 -12.74
CA ARG A 237 -0.86 22.88 -11.94
C ARG A 237 0.29 22.24 -12.69
N GLN A 238 0.00 21.16 -13.44
CA GLN A 238 1.02 20.55 -14.28
C GLN A 238 1.53 21.52 -15.34
N LEU A 239 0.62 22.25 -16.01
CA LEU A 239 1.06 23.22 -17.01
C LEU A 239 1.90 24.32 -16.36
N PHE A 240 1.53 24.72 -15.14
CA PHE A 240 2.29 25.75 -14.44
C PHE A 240 3.71 25.28 -14.16
N HIS A 241 3.84 24.06 -13.63
CA HIS A 241 5.18 23.55 -13.31
C HIS A 241 5.99 23.29 -14.57
N LEU A 242 5.34 22.96 -15.69
CA LEU A 242 6.02 22.77 -16.95
C LEU A 242 6.33 24.09 -17.66
N ASN A 243 6.11 25.22 -16.98
CA ASN A 243 6.43 26.55 -17.52
C ASN A 243 5.66 26.87 -18.79
N VAL A 244 4.47 26.30 -18.92
CA VAL A 244 3.61 26.56 -20.07
C VAL A 244 2.69 27.75 -19.80
N ILE A 245 2.17 27.86 -18.58
CA ILE A 245 1.27 28.93 -18.20
C ILE A 245 1.90 29.73 -17.06
N GLU A 246 1.39 30.95 -16.88
CA GLU A 246 1.93 31.85 -15.88
C GLU A 246 1.46 31.44 -14.48
N PRO A 247 2.16 31.88 -13.45
CA PRO A 247 1.60 31.78 -12.09
C PRO A 247 0.41 32.71 -11.95
N PHE A 248 -0.51 32.33 -11.07
CA PHE A 248 -1.70 33.14 -10.85
C PHE A 248 -1.33 34.51 -10.29
N SER A 249 -1.90 35.55 -10.88
CA SER A 249 -1.63 36.92 -10.49
C SER A 249 -2.84 37.65 -9.96
N GLY A 250 -4.05 37.15 -10.23
CA GLY A 250 -5.26 37.80 -9.78
C GLY A 250 -5.52 37.62 -8.31
N THR A 251 -6.79 37.71 -7.92
CA THR A 251 -7.18 37.59 -6.52
C THR A 251 -8.49 36.82 -6.45
N LEU A 252 -8.85 36.44 -5.22
CA LEU A 252 -10.07 35.66 -5.01
C LEU A 252 -11.02 36.39 -4.07
N GLU A 258 -17.33 32.91 9.43
CA GLU A 258 -17.53 31.62 10.07
C GLU A 258 -16.33 31.21 10.89
N GLN A 259 -16.13 31.88 12.02
CA GLN A 259 -15.00 31.60 12.90
C GLN A 259 -15.47 30.81 14.11
N LEU A 260 -14.64 29.88 14.56
CA LEU A 260 -14.99 29.01 15.68
C LEU A 260 -14.97 29.77 17.00
N LYS A 261 -15.72 29.25 17.96
CA LYS A 261 -15.72 29.77 19.32
C LYS A 261 -14.32 29.61 19.91
N PRO A 262 -13.66 30.69 20.33
CA PRO A 262 -12.30 30.53 20.86
C PRO A 262 -12.29 29.77 22.18
N TYR A 263 -11.19 29.06 22.41
CA TYR A 263 -11.07 28.08 23.48
C TYR A 263 -10.09 28.60 24.52
N PRO A 264 -10.46 28.63 25.81
CA PRO A 264 -9.55 29.16 26.82
C PRO A 264 -8.47 28.15 27.18
N VAL A 265 -7.22 28.63 27.23
CA VAL A 265 -6.07 27.83 27.65
C VAL A 265 -5.30 28.62 28.69
N LYS A 266 -5.23 28.10 29.92
CA LYS A 266 -4.52 28.75 31.00
C LYS A 266 -3.55 27.77 31.65
N LEU A 267 -2.34 28.23 31.89
CA LEU A 267 -1.25 27.40 32.39
C LEU A 267 -0.91 27.80 33.83
N SER A 268 -0.42 26.83 34.58
CA SER A 268 -0.02 27.09 35.96
C SER A 268 1.22 27.98 35.99
N PRO A 269 1.38 28.78 37.04
CA PRO A 269 2.60 29.59 37.15
C PRO A 269 3.86 28.75 37.17
N ASN A 270 3.82 27.58 37.82
CA ASN A 270 4.99 26.71 37.86
C ASN A 270 5.33 26.20 36.46
N LEU A 271 4.32 25.81 35.68
CA LEU A 271 4.57 25.33 34.33
C LEU A 271 5.07 26.45 33.44
N ILE A 272 4.54 27.66 33.62
CA ILE A 272 5.03 28.81 32.86
C ILE A 272 6.49 29.09 33.20
N ASN A 273 6.85 29.00 34.47
CA ASN A 273 8.24 29.20 34.88
C ASN A 273 9.14 28.12 34.30
N LYS A 274 8.65 26.87 34.25
CA LYS A 274 9.40 25.80 33.63
C LYS A 274 9.64 26.08 32.14
N ILE A 275 8.61 26.55 31.45
CA ILE A 275 8.77 26.91 30.04
C ILE A 275 9.80 28.02 29.89
N ASP A 276 9.71 29.05 30.74
CA ASP A 276 10.64 30.17 30.64
C ASP A 276 12.08 29.72 30.88
N GLU A 277 12.29 28.88 31.88
CA GLU A 277 13.64 28.40 32.17
C GLU A 277 14.17 27.52 31.04
N VAL A 278 13.29 26.76 30.37
CA VAL A 278 13.75 25.96 29.24
C VAL A 278 14.12 26.84 28.06
N ILE A 279 13.34 27.90 27.80
CA ILE A 279 13.71 28.86 26.77
C ILE A 279 15.07 29.49 27.09
N LYS A 280 15.26 29.87 28.35
CA LYS A 280 16.54 30.48 28.74
C LYS A 280 17.70 29.49 28.56
N GLY A 281 17.48 28.23 28.91
CA GLY A 281 18.53 27.23 28.78
C GLY A 281 18.90 26.97 27.33
N LEU A 282 17.90 26.84 26.45
CA LEU A 282 18.16 26.58 25.05
C LEU A 282 18.39 27.85 24.24
N ASP A 283 18.33 29.03 24.88
CA ASP A 283 18.57 30.31 24.21
C ASP A 283 17.63 30.50 23.02
N LEU A 284 16.40 30.06 23.18
CA LEU A 284 15.41 30.15 22.12
C LEU A 284 14.91 31.59 21.99
N PRO A 285 14.90 32.15 20.78
CA PRO A 285 14.35 33.51 20.62
C PRO A 285 12.86 33.53 20.92
N VAL A 286 12.39 34.66 21.44
CA VAL A 286 11.00 34.84 21.84
C VAL A 286 10.38 35.91 20.95
N VAL A 287 9.26 35.57 20.32
CA VAL A 287 8.52 36.54 19.50
C VAL A 287 7.63 37.36 20.41
N ASN A 288 7.75 38.68 20.31
CA ASN A 288 6.93 39.57 21.12
C ASN A 288 5.84 40.21 20.26
N SER A 323 24.73 10.50 -12.43
CA SER A 323 24.79 10.26 -11.00
C SER A 323 25.34 8.87 -10.69
N SER A 324 25.26 8.46 -9.44
CA SER A 324 25.75 7.15 -9.03
C SER A 324 24.81 6.05 -9.52
N VAL A 325 25.37 4.86 -9.66
CA VAL A 325 24.62 3.66 -10.03
C VAL A 325 24.85 2.61 -8.96
N ILE A 326 23.91 1.68 -8.83
CA ILE A 326 24.03 0.62 -7.83
C ILE A 326 25.33 -0.14 -8.04
N PRO A 327 26.10 -0.40 -6.99
CA PRO A 327 27.29 -1.24 -7.12
C PRO A 327 26.96 -2.63 -7.63
N TRP A 328 27.81 -3.17 -8.52
CA TRP A 328 27.67 -4.54 -8.99
C TRP A 328 29.07 -5.11 -9.20
N ALA A 329 29.18 -6.43 -9.05
CA ALA A 329 30.44 -7.13 -9.22
C ALA A 329 30.14 -8.57 -9.56
N PRO A 330 31.02 -9.25 -10.30
CA PRO A 330 30.83 -10.68 -10.56
C PRO A 330 31.03 -11.49 -9.29
N PRO A 331 30.64 -12.76 -9.29
CA PRO A 331 30.83 -13.58 -8.10
C PRO A 331 32.30 -13.65 -7.69
N GLN A 332 32.55 -13.52 -6.39
CA GLN A 332 33.89 -13.59 -5.84
C GLN A 332 33.85 -14.44 -4.58
N ALA A 333 34.99 -15.06 -4.29
CA ALA A 333 35.08 -16.00 -3.18
C ALA A 333 34.91 -15.30 -1.84
N ASN A 334 34.38 -16.05 -0.87
CA ASN A 334 34.16 -15.55 0.49
C ASN A 334 33.23 -14.34 0.48
N TRP A 335 32.03 -14.54 -0.08
CA TRP A 335 31.03 -13.49 -0.15
C TRP A 335 29.65 -14.13 -0.19
N ASN A 336 28.73 -13.60 0.59
CA ASN A 336 27.33 -13.99 0.55
C ASN A 336 26.59 -12.94 -0.26
N THR A 337 26.08 -13.33 -1.42
CA THR A 337 25.34 -12.40 -2.28
C THR A 337 24.08 -11.89 -1.60
N TRP A 338 23.34 -12.78 -0.94
CA TRP A 338 22.03 -12.42 -0.42
C TRP A 338 22.15 -11.50 0.78
N HIS A 339 23.14 -11.71 1.63
CA HIS A 339 23.38 -10.80 2.76
C HIS A 339 24.34 -9.68 2.42
N ALA A 340 24.93 -9.69 1.23
CA ALA A 340 25.87 -8.64 0.78
C ALA A 340 27.01 -8.44 1.77
N CYS A 341 27.61 -9.55 2.21
CA CYS A 341 28.66 -9.51 3.21
C CYS A 341 29.63 -10.65 2.97
N ASN A 342 30.81 -10.54 3.57
CA ASN A 342 31.77 -11.63 3.51
C ASN A 342 31.30 -12.79 4.38
N ILE A 343 31.81 -13.98 4.06
CA ILE A 343 31.38 -15.19 4.76
C ILE A 343 32.21 -15.34 6.04
N ASP A 344 33.51 -15.53 5.89
CA ASP A 344 34.48 -15.60 6.99
C ASP A 344 34.11 -16.63 8.06
N GLU A 345 33.20 -17.55 7.76
CA GLU A 345 32.71 -18.51 8.74
C GLU A 345 32.60 -19.90 8.12
N GLY A 346 32.60 -20.90 8.98
CA GLY A 346 32.47 -22.27 8.51
C GLY A 346 33.75 -22.74 7.84
N GLU A 347 33.60 -23.48 6.74
CA GLU A 347 34.74 -23.98 6.00
C GLU A 347 34.74 -23.44 4.57
N LEU A 348 33.99 -22.37 4.32
CA LEU A 348 33.98 -21.72 3.01
C LEU A 348 34.99 -20.56 3.00
N ALA A 349 36.21 -20.88 3.42
CA ALA A 349 37.33 -19.93 3.43
C ALA A 349 38.34 -20.24 2.35
N THR A 350 38.82 -21.48 2.28
CA THR A 350 39.69 -21.93 1.21
C THR A 350 38.92 -22.56 0.06
N THR A 351 37.60 -22.69 0.18
CA THR A 351 36.76 -23.23 -0.87
C THR A 351 36.60 -22.17 -1.96
N SER A 352 36.98 -22.51 -3.18
CA SER A 352 36.92 -21.59 -4.30
C SER A 352 35.61 -21.76 -5.07
N ILE A 353 35.31 -20.77 -5.91
CA ILE A 353 34.12 -20.85 -6.74
C ILE A 353 34.26 -21.98 -7.75
N ASP A 354 35.49 -22.26 -8.19
CA ASP A 354 35.70 -23.38 -9.10
C ASP A 354 35.37 -24.71 -8.45
N ASP A 355 35.82 -24.91 -7.21
CA ASP A 355 35.50 -26.15 -6.50
C ASP A 355 34.01 -26.25 -6.20
N LEU A 356 33.39 -25.12 -5.86
CA LEU A 356 31.94 -25.12 -5.66
C LEU A 356 31.21 -25.49 -6.94
N SER A 357 31.67 -24.98 -8.09
CA SER A 357 31.07 -25.34 -9.36
C SER A 357 31.24 -26.82 -9.66
N MET A 358 32.42 -27.38 -9.38
CA MET A 358 32.64 -28.80 -9.58
C MET A 358 31.72 -29.63 -8.71
N ASP A 359 31.58 -29.26 -7.43
CA ASP A 359 30.68 -29.99 -6.55
C ASP A 359 29.23 -29.91 -7.03
N TYR A 360 28.80 -28.72 -7.45
CA TYR A 360 27.43 -28.57 -7.94
C TYR A 360 27.20 -29.42 -9.19
N GLU A 361 28.16 -29.41 -10.12
CA GLU A 361 28.02 -30.20 -11.33
C GLU A 361 27.95 -31.69 -11.02
N ARG A 362 28.81 -32.16 -10.11
CA ARG A 362 28.78 -33.56 -9.74
C ARG A 362 27.46 -33.94 -9.07
N SER A 363 26.96 -33.08 -8.19
CA SER A 363 25.69 -33.36 -7.52
C SER A 363 24.55 -33.39 -8.52
N LEU A 364 24.53 -32.45 -9.46
CA LEU A 364 23.47 -32.42 -10.47
C LEU A 364 23.51 -33.68 -11.34
N ARG A 365 24.72 -34.08 -11.76
CA ARG A 365 24.83 -35.30 -12.55
C ARG A 365 24.39 -36.53 -11.78
N ASP A 366 24.78 -36.63 -10.50
CA ASP A 366 24.37 -37.78 -9.69
C ASP A 366 22.86 -37.82 -9.55
N ARG A 367 22.22 -36.66 -9.32
CA ARG A 367 20.77 -36.61 -9.24
C ARG A 367 20.14 -37.06 -10.55
N ARG A 368 20.59 -36.49 -11.67
CA ARG A 368 20.00 -36.84 -12.96
C ARG A 368 20.21 -38.31 -13.30
N GLN A 369 21.24 -38.93 -12.74
CA GLN A 369 21.47 -40.34 -13.02
C GLN A 369 20.67 -41.27 -12.10
N ASN A 370 20.44 -40.87 -10.86
CA ASN A 370 19.88 -41.80 -9.87
C ASN A 370 18.48 -41.48 -9.37
N ASP A 371 18.15 -40.20 -9.15
CA ASP A 371 16.92 -39.85 -8.44
C ASP A 371 15.72 -40.06 -9.36
N ASN A 372 14.89 -41.04 -9.01
CA ASN A 372 13.70 -41.34 -9.82
C ASN A 372 12.72 -40.18 -9.79
N GLU A 373 12.51 -39.59 -8.61
CA GLU A 373 11.60 -38.45 -8.51
C GLU A 373 12.13 -37.26 -9.32
N TYR A 374 13.44 -37.03 -9.26
CA TYR A 374 14.01 -35.96 -10.06
C TYR A 374 13.81 -36.22 -11.55
N ARG A 375 14.02 -37.48 -11.97
CA ARG A 375 13.83 -37.83 -13.38
C ARG A 375 12.37 -37.61 -13.80
N GLN A 376 11.43 -37.96 -12.93
CA GLN A 376 10.02 -37.73 -13.24
C GLN A 376 9.74 -36.23 -13.37
N PHE A 377 10.35 -35.41 -12.51
CA PHE A 377 10.13 -33.98 -12.62
C PHE A 377 10.74 -33.41 -13.90
N LEU A 378 11.90 -33.91 -14.33
CA LEU A 378 12.44 -33.49 -15.62
C LEU A 378 11.55 -33.93 -16.77
N GLU A 379 10.96 -35.12 -16.66
CA GLU A 379 10.04 -35.59 -17.68
C GLU A 379 8.84 -34.66 -17.78
N PHE A 380 8.32 -34.21 -16.64
CA PHE A 380 7.24 -33.23 -16.66
C PHE A 380 7.71 -31.90 -17.24
N ARG A 381 8.89 -31.43 -16.84
CA ARG A 381 9.36 -30.12 -17.26
C ARG A 381 9.64 -30.05 -18.75
N GLU A 382 10.05 -31.18 -19.34
CA GLU A 382 10.36 -31.18 -20.77
C GLU A 382 9.12 -31.07 -21.63
N LYS A 383 7.95 -31.36 -21.07
CA LYS A 383 6.69 -31.30 -21.82
C LYS A 383 6.01 -29.94 -21.73
N LEU A 384 6.54 -29.02 -20.92
CA LEU A 384 5.96 -27.70 -20.82
C LEU A 384 6.17 -26.92 -22.11
N PRO A 385 5.23 -26.01 -22.45
CA PRO A 385 5.36 -25.28 -23.71
C PRO A 385 6.63 -24.44 -23.81
N ILE A 386 7.15 -23.94 -22.70
CA ILE A 386 8.37 -23.15 -22.76
C ILE A 386 9.61 -24.02 -22.96
N ALA A 387 9.50 -25.33 -22.74
CA ALA A 387 10.67 -26.20 -22.84
C ALA A 387 11.13 -26.35 -24.29
N ALA A 388 10.22 -26.20 -25.25
CA ALA A 388 10.60 -26.30 -26.65
C ALA A 388 11.47 -25.12 -27.09
N MET A 389 11.51 -24.05 -26.32
CA MET A 389 12.23 -22.84 -26.69
C MET A 389 13.39 -22.54 -25.74
N ARG A 390 13.81 -23.53 -24.95
CA ARG A 390 14.84 -23.33 -23.93
C ARG A 390 16.17 -22.92 -24.56
N SER A 391 16.57 -23.57 -25.64
CA SER A 391 17.85 -23.26 -26.26
C SER A 391 17.88 -21.83 -26.78
N GLU A 392 16.82 -21.41 -27.47
CA GLU A 392 16.76 -20.05 -27.98
C GLU A 392 16.68 -19.03 -26.84
N ILE A 393 15.95 -19.35 -25.77
CA ILE A 393 15.86 -18.43 -24.64
C ILE A 393 17.23 -18.25 -24.01
N LEU A 394 17.96 -19.34 -23.79
CA LEU A 394 19.29 -19.24 -23.21
C LEU A 394 20.24 -18.51 -24.14
N THR A 395 20.14 -18.74 -25.45
CA THR A 395 21.00 -18.02 -26.39
C THR A 395 20.75 -16.52 -26.33
N ALA A 396 19.48 -16.11 -26.33
CA ALA A 396 19.16 -14.68 -26.23
C ALA A 396 19.65 -14.08 -24.92
N ILE A 397 19.46 -14.82 -23.82
CA ILE A 397 19.91 -14.32 -22.52
C ILE A 397 21.42 -14.16 -22.49
N ASN A 398 22.15 -15.13 -23.04
CA ASN A 398 23.60 -15.05 -23.07
C ASN A 398 24.07 -13.89 -23.96
N ASP A 399 23.42 -13.69 -25.10
CA ASP A 399 23.91 -12.72 -26.08
C ASP A 399 23.40 -11.31 -25.84
N ASN A 400 22.43 -11.13 -24.95
CA ASN A 400 21.85 -9.81 -24.78
C ASN A 400 21.82 -9.44 -23.29
N PRO A 401 21.99 -8.15 -22.97
CA PRO A 401 21.89 -7.76 -21.55
C PRO A 401 20.47 -7.75 -21.03
N VAL A 402 19.51 -7.29 -21.84
CA VAL A 402 18.11 -7.27 -21.48
C VAL A 402 17.32 -8.05 -22.52
N VAL A 403 16.45 -8.95 -22.06
CA VAL A 403 15.64 -9.79 -22.92
C VAL A 403 14.23 -9.84 -22.37
N ILE A 404 13.24 -9.64 -23.24
CA ILE A 404 11.83 -9.71 -22.85
C ILE A 404 11.26 -11.04 -23.33
N ILE A 405 10.56 -11.73 -22.43
CA ILE A 405 9.95 -13.02 -22.71
C ILE A 405 8.43 -12.85 -22.59
N ARG A 406 7.71 -13.22 -23.63
CA ARG A 406 6.24 -13.19 -23.61
C ARG A 406 5.71 -14.57 -23.95
N GLY A 407 4.90 -15.12 -23.05
CA GLY A 407 4.28 -16.42 -23.27
C GLY A 407 2.95 -16.46 -22.54
N ASN A 408 2.15 -17.45 -22.89
CA ASN A 408 0.83 -17.58 -22.29
C ASN A 408 0.95 -17.90 -20.81
N THR A 409 -0.13 -17.62 -20.08
CA THR A 409 -0.17 -17.94 -18.66
C THR A 409 -0.02 -19.44 -18.46
N GLY A 410 0.86 -19.83 -17.55
CA GLY A 410 1.10 -21.23 -17.28
C GLY A 410 2.02 -21.92 -18.25
N CYS A 411 2.71 -21.17 -19.12
CA CYS A 411 3.62 -21.81 -20.06
C CYS A 411 4.91 -22.27 -19.39
N GLY A 412 5.32 -21.60 -18.31
CA GLY A 412 6.48 -22.04 -17.57
C GLY A 412 7.56 -21.00 -17.36
N LYS A 413 7.25 -19.73 -17.59
CA LYS A 413 8.25 -18.68 -17.47
C LYS A 413 8.89 -18.68 -16.08
N THR A 414 8.08 -18.44 -15.04
CA THR A 414 8.61 -18.32 -13.68
C THR A 414 9.34 -19.58 -13.23
N THR A 415 8.71 -20.74 -13.38
CA THR A 415 9.29 -21.94 -12.80
C THR A 415 10.37 -22.56 -13.68
N GLN A 416 10.59 -22.04 -14.89
CA GLN A 416 11.53 -22.69 -15.79
C GLN A 416 12.70 -21.83 -16.22
N ILE A 417 12.58 -20.51 -16.35
CA ILE A 417 13.67 -19.73 -16.92
C ILE A 417 14.87 -19.71 -15.98
N ALA A 418 14.63 -19.48 -14.69
CA ALA A 418 15.72 -19.46 -13.73
C ALA A 418 16.40 -20.82 -13.64
N GLN A 419 15.61 -21.89 -13.64
CA GLN A 419 16.18 -23.24 -13.67
C GLN A 419 17.01 -23.47 -14.92
N TYR A 420 16.55 -22.97 -16.07
CA TYR A 420 17.30 -23.11 -17.30
C TYR A 420 18.66 -22.44 -17.19
N ILE A 421 18.67 -21.20 -16.71
CA ILE A 421 19.92 -20.45 -16.60
C ILE A 421 20.87 -21.13 -15.62
N LEU A 422 20.33 -21.55 -14.47
CA LEU A 422 21.19 -22.16 -13.45
C LEU A 422 21.74 -23.50 -13.92
N ASP A 423 20.92 -24.31 -14.58
CA ASP A 423 21.40 -25.59 -15.09
C ASP A 423 22.41 -25.40 -16.20
N ASP A 424 22.21 -24.40 -17.06
CA ASP A 424 23.19 -24.10 -18.09
C ASP A 424 24.54 -23.75 -17.47
N TYR A 425 24.53 -22.88 -16.45
CA TYR A 425 25.78 -22.55 -15.77
C TYR A 425 26.41 -23.76 -15.11
N ILE A 426 25.60 -24.57 -14.41
CA ILE A 426 26.14 -25.69 -13.65
C ILE A 426 26.75 -26.73 -14.58
N CYS A 427 26.04 -27.09 -15.65
CA CYS A 427 26.56 -28.07 -16.59
C CYS A 427 27.68 -27.51 -17.44
N SER A 428 27.78 -26.19 -17.56
CA SER A 428 28.90 -25.56 -18.24
C SER A 428 30.19 -25.61 -17.43
N GLY A 429 30.13 -26.09 -16.19
CA GLY A 429 31.30 -26.06 -15.33
C GLY A 429 31.49 -24.77 -14.58
N GLN A 430 30.53 -23.86 -14.66
CA GLN A 430 30.58 -22.56 -13.98
C GLN A 430 29.38 -22.41 -13.06
N GLY A 431 29.09 -23.47 -12.30
CA GLY A 431 27.89 -23.46 -11.46
C GLY A 431 27.92 -22.39 -10.39
N GLY A 432 29.09 -22.17 -9.79
CA GLY A 432 29.21 -21.19 -8.73
C GLY A 432 29.22 -19.75 -9.18
N TYR A 433 29.10 -19.50 -10.48
CA TYR A 433 29.07 -18.15 -11.00
C TYR A 433 27.65 -17.65 -11.26
N ALA A 434 26.64 -18.33 -10.72
CA ALA A 434 25.24 -17.99 -10.96
C ALA A 434 24.58 -17.60 -9.64
N ASN A 435 23.81 -16.52 -9.67
CA ASN A 435 22.95 -16.11 -8.57
C ASN A 435 21.80 -15.32 -9.16
N ILE A 436 20.57 -15.79 -8.97
CA ILE A 436 19.43 -15.32 -9.73
C ILE A 436 18.39 -14.73 -8.78
N TYR A 437 18.00 -13.50 -9.05
CA TYR A 437 16.86 -12.86 -8.39
C TYR A 437 15.63 -13.01 -9.27
N VAL A 438 14.52 -13.46 -8.68
CA VAL A 438 13.24 -13.55 -9.37
C VAL A 438 12.21 -12.78 -8.57
N THR A 439 11.86 -11.59 -9.03
CA THR A 439 10.90 -10.75 -8.34
C THR A 439 9.48 -11.16 -8.67
N GLN A 440 8.61 -11.11 -7.67
CA GLN A 440 7.20 -11.44 -7.82
C GLN A 440 6.35 -10.28 -7.32
N PRO A 441 5.14 -10.12 -7.84
CA PRO A 441 4.29 -9.01 -7.36
C PRO A 441 3.68 -9.27 -6.00
N ARG A 442 3.49 -10.52 -5.61
CA ARG A 442 2.77 -10.86 -4.39
C ARG A 442 3.64 -11.75 -3.52
N ARG A 443 3.48 -11.58 -2.20
CA ARG A 443 4.17 -12.46 -1.25
C ARG A 443 3.74 -13.91 -1.43
N ILE A 444 2.44 -14.13 -1.57
CA ILE A 444 1.92 -15.48 -1.75
C ILE A 444 2.48 -16.11 -3.02
N SER A 445 2.54 -15.34 -4.10
CA SER A 445 3.07 -15.85 -5.35
C SER A 445 4.55 -16.19 -5.22
N ALA A 446 5.33 -15.31 -4.60
CA ALA A 446 6.76 -15.56 -4.43
C ALA A 446 7.00 -16.82 -3.62
N ILE A 447 6.31 -16.97 -2.49
CA ILE A 447 6.50 -18.14 -1.64
C ILE A 447 6.08 -19.41 -2.36
N SER A 448 4.93 -19.38 -3.03
CA SER A 448 4.43 -20.59 -3.67
C SER A 448 5.32 -21.02 -4.83
N VAL A 449 5.80 -20.06 -5.63
CA VAL A 449 6.65 -20.44 -6.75
C VAL A 449 8.01 -20.92 -6.26
N ALA A 450 8.52 -20.33 -5.18
CA ALA A 450 9.78 -20.83 -4.62
C ALA A 450 9.62 -22.26 -4.11
N GLU A 451 8.52 -22.54 -3.43
CA GLU A 451 8.26 -23.92 -3.00
C GLU A 451 8.14 -24.86 -4.19
N ARG A 452 7.47 -24.41 -5.25
CA ARG A 452 7.31 -25.25 -6.44
C ARG A 452 8.66 -25.57 -7.08
N VAL A 453 9.52 -24.56 -7.23
CA VAL A 453 10.81 -24.80 -7.87
C VAL A 453 11.68 -25.69 -6.98
N ALA A 454 11.64 -25.49 -5.67
CA ALA A 454 12.38 -26.34 -4.76
C ALA A 454 11.93 -27.80 -4.86
N ARG A 455 10.61 -28.04 -4.89
CA ARG A 455 10.14 -29.40 -4.96
C ARG A 455 10.33 -30.00 -6.34
N GLU A 456 10.41 -29.17 -7.39
CA GLU A 456 10.80 -29.65 -8.70
C GLU A 456 12.23 -30.15 -8.70
N ARG A 457 13.12 -29.40 -8.06
CA ARG A 457 14.51 -29.82 -7.96
C ARG A 457 14.74 -30.91 -6.93
N CYS A 458 13.68 -31.35 -6.25
CA CYS A 458 13.77 -32.40 -5.22
C CYS A 458 14.76 -32.01 -4.13
N GLU A 459 14.66 -30.77 -3.66
CA GLU A 459 15.50 -30.25 -2.59
C GLU A 459 14.69 -29.29 -1.75
N GLN A 460 15.07 -29.16 -0.48
CA GLN A 460 14.36 -28.30 0.45
C GLN A 460 14.74 -26.84 0.24
N LEU A 461 13.81 -25.95 0.59
CA LEU A 461 14.07 -24.53 0.51
C LEU A 461 15.28 -24.17 1.36
N GLY A 462 16.14 -23.30 0.82
CA GLY A 462 17.38 -22.95 1.47
C GLY A 462 18.60 -23.64 0.91
N ASP A 463 18.42 -24.65 0.06
CA ASP A 463 19.55 -25.33 -0.57
C ASP A 463 19.92 -24.66 -1.88
N THR A 464 19.00 -24.66 -2.84
CA THR A 464 19.20 -24.00 -4.11
C THR A 464 18.17 -22.91 -4.38
N VAL A 465 16.98 -23.04 -3.79
CA VAL A 465 15.89 -22.10 -3.99
C VAL A 465 15.59 -21.45 -2.64
N GLY A 466 15.48 -20.13 -2.63
CA GLY A 466 15.03 -19.42 -1.46
C GLY A 466 13.97 -18.39 -1.84
N TYR A 467 13.32 -17.86 -0.81
CA TYR A 467 12.39 -16.76 -0.99
C TYR A 467 12.64 -15.71 0.10
N SER A 468 12.22 -14.49 -0.21
CA SER A 468 12.36 -13.38 0.74
C SER A 468 11.14 -12.47 0.58
N VAL A 469 10.22 -12.55 1.52
CA VAL A 469 9.09 -11.62 1.59
C VAL A 469 9.14 -10.92 2.94
N ARG A 470 8.16 -10.07 3.20
CA ARG A 470 8.07 -9.38 4.48
C ARG A 470 7.78 -10.38 5.60
N PHE A 471 8.52 -10.27 6.70
CA PHE A 471 8.38 -11.08 7.90
C PHE A 471 8.67 -12.56 7.67
N GLU A 472 9.19 -12.94 6.51
CA GLU A 472 9.38 -14.34 6.21
C GLU A 472 10.46 -14.48 5.13
N SER A 473 11.63 -14.96 5.51
CA SER A 473 12.73 -15.16 4.57
C SER A 473 13.39 -16.50 4.82
N VAL A 474 13.59 -17.26 3.74
CA VAL A 474 14.35 -18.51 3.77
C VAL A 474 15.46 -18.36 2.75
N PHE A 475 16.68 -18.10 3.21
CA PHE A 475 17.75 -17.78 2.27
C PHE A 475 18.39 -19.04 1.71
N PRO A 476 18.77 -19.00 0.44
CA PRO A 476 19.50 -20.14 -0.14
C PRO A 476 21.00 -20.03 0.08
N ARG A 477 21.75 -20.97 -0.50
CA ARG A 477 23.19 -20.94 -0.38
C ARG A 477 23.77 -19.73 -1.12
N PRO A 478 24.98 -19.30 -0.75
CA PRO A 478 25.53 -18.09 -1.39
C PRO A 478 25.87 -18.23 -2.86
N TYR A 479 25.97 -19.45 -3.40
CA TYR A 479 26.42 -19.66 -4.77
C TYR A 479 25.51 -20.63 -5.50
N GLY A 480 25.24 -20.33 -6.78
CA GLY A 480 24.41 -21.20 -7.60
C GLY A 480 23.00 -21.34 -7.07
N ALA A 481 22.37 -20.22 -6.73
CA ALA A 481 21.09 -20.23 -6.03
C ALA A 481 20.11 -19.29 -6.72
N ILE A 482 18.84 -19.45 -6.36
CA ILE A 482 17.75 -18.60 -6.85
C ILE A 482 16.96 -18.09 -5.64
N LEU A 483 16.73 -16.79 -5.60
CA LEU A 483 15.95 -16.16 -4.53
C LEU A 483 14.70 -15.55 -5.12
N PHE A 484 13.54 -16.06 -4.75
CA PHE A 484 12.26 -15.54 -5.18
C PHE A 484 11.77 -14.50 -4.17
N CYS A 485 11.99 -13.23 -4.47
CA CYS A 485 11.62 -12.15 -3.56
C CYS A 485 10.50 -11.32 -4.18
N THR A 486 9.95 -10.41 -3.38
CA THR A 486 9.05 -9.41 -3.93
C THR A 486 9.85 -8.18 -4.37
N VAL A 487 9.19 -7.31 -5.14
CA VAL A 487 9.88 -6.14 -5.68
C VAL A 487 10.31 -5.21 -4.54
N GLY A 488 9.46 -5.03 -3.53
CA GLY A 488 9.83 -4.20 -2.41
C GLY A 488 11.01 -4.76 -1.63
N VAL A 489 11.06 -6.08 -1.47
CA VAL A 489 12.20 -6.70 -0.81
C VAL A 489 13.48 -6.45 -1.62
N LEU A 490 13.40 -6.56 -2.94
CA LEU A 490 14.57 -6.29 -3.77
C LEU A 490 15.01 -4.84 -3.63
N LEU A 491 14.05 -3.91 -3.62
CA LEU A 491 14.40 -2.50 -3.47
C LEU A 491 15.06 -2.23 -2.13
N ARG A 492 14.61 -2.92 -1.08
CA ARG A 492 15.28 -2.83 0.20
C ARG A 492 16.70 -3.37 0.12
N LYS A 493 16.89 -4.49 -0.56
CA LYS A 493 18.22 -5.06 -0.74
C LYS A 493 19.13 -4.16 -1.58
N LEU A 494 18.56 -3.29 -2.41
CA LEU A 494 19.35 -2.45 -3.30
C LEU A 494 20.35 -1.56 -2.56
N GLU A 495 20.09 -1.26 -1.28
CA GLU A 495 20.97 -0.36 -0.53
C GLU A 495 22.35 -0.98 -0.35
N ALA A 496 22.41 -2.28 -0.09
CA ALA A 496 23.67 -2.96 0.13
C ALA A 496 24.39 -3.31 -1.16
N GLY A 497 23.82 -3.01 -2.32
CA GLY A 497 24.39 -3.38 -3.59
C GLY A 497 23.89 -4.72 -4.10
N LEU A 498 24.32 -5.05 -5.31
CA LEU A 498 23.98 -6.31 -5.95
C LEU A 498 25.23 -7.05 -6.39
N ARG A 499 26.27 -7.02 -5.56
CA ARG A 499 27.49 -7.76 -5.85
C ARG A 499 27.23 -9.25 -5.83
N GLY A 500 27.71 -9.94 -6.85
CA GLY A 500 27.52 -11.37 -6.96
C GLY A 500 26.20 -11.81 -7.55
N VAL A 501 25.42 -10.89 -8.12
CA VAL A 501 24.19 -11.22 -8.80
C VAL A 501 24.48 -11.26 -10.30
N SER A 502 24.17 -12.39 -10.94
CA SER A 502 24.40 -12.54 -12.37
C SER A 502 23.15 -12.31 -13.19
N HIS A 503 21.98 -12.75 -12.71
CA HIS A 503 20.74 -12.64 -13.44
C HIS A 503 19.65 -12.11 -12.54
N ILE A 504 18.89 -11.13 -13.02
CA ILE A 504 17.72 -10.61 -12.34
C ILE A 504 16.52 -10.83 -13.25
N ILE A 505 15.52 -11.56 -12.75
CA ILE A 505 14.31 -11.86 -13.49
C ILE A 505 13.15 -11.12 -12.85
N VAL A 506 12.56 -10.20 -13.61
CA VAL A 506 11.41 -9.42 -13.15
C VAL A 506 10.15 -10.02 -13.76
N ASP A 507 9.21 -10.41 -12.92
CA ASP A 507 7.98 -11.06 -13.34
C ASP A 507 6.83 -10.07 -13.32
N GLU A 508 5.91 -10.28 -14.26
CA GLU A 508 4.64 -9.56 -14.29
C GLU A 508 4.85 -8.06 -14.37
N ILE A 509 5.70 -7.63 -15.29
CA ILE A 509 5.95 -6.21 -15.52
C ILE A 509 4.71 -5.47 -15.99
N HIS A 510 3.63 -6.18 -16.29
CA HIS A 510 2.36 -5.59 -16.67
C HIS A 510 1.64 -4.93 -15.51
N GLU A 511 2.00 -5.28 -14.27
CA GLU A 511 1.27 -4.77 -13.11
C GLU A 511 1.40 -3.26 -12.97
N ARG A 512 2.46 -2.69 -13.54
CA ARG A 512 2.66 -1.23 -13.56
C ARG A 512 2.64 -0.62 -12.16
N ASP A 513 3.08 -1.40 -11.17
CA ASP A 513 3.16 -0.90 -9.81
C ASP A 513 4.31 0.12 -9.70
N VAL A 514 4.21 0.98 -8.68
CA VAL A 514 5.21 2.02 -8.50
C VAL A 514 6.57 1.41 -8.20
N ASN A 515 6.61 0.36 -7.38
CA ASN A 515 7.86 -0.31 -7.08
C ASN A 515 8.45 -0.97 -8.32
N SER A 516 7.59 -1.54 -9.17
CA SER A 516 8.07 -2.17 -10.40
C SER A 516 8.66 -1.14 -11.34
N ASP A 517 8.01 0.03 -11.47
CA ASP A 517 8.57 1.08 -12.32
C ASP A 517 9.90 1.58 -11.77
N PHE A 518 9.98 1.75 -10.46
CA PHE A 518 11.25 2.11 -9.81
C PHE A 518 12.34 1.10 -10.14
N LEU A 519 12.02 -0.18 -10.00
CA LEU A 519 13.00 -1.24 -10.28
C LEU A 519 13.42 -1.22 -11.73
N LEU A 520 12.48 -0.97 -12.64
CA LEU A 520 12.81 -0.93 -14.07
C LEU A 520 13.79 0.20 -14.37
N VAL A 521 13.58 1.37 -13.76
CA VAL A 521 14.52 2.47 -13.97
C VAL A 521 15.90 2.10 -13.45
N ILE A 522 15.95 1.55 -12.24
CA ILE A 522 17.24 1.17 -11.65
C ILE A 522 17.93 0.13 -12.51
N LEU A 523 17.19 -0.86 -12.99
CA LEU A 523 17.77 -1.95 -13.77
C LEU A 523 18.25 -1.48 -15.13
N ARG A 524 17.54 -0.56 -15.77
CA ARG A 524 18.04 -0.03 -17.03
C ARG A 524 19.35 0.71 -16.82
N ASP A 525 19.44 1.53 -15.76
CA ASP A 525 20.70 2.21 -15.49
C ASP A 525 21.80 1.20 -15.18
N MET A 526 21.46 0.13 -14.45
CA MET A 526 22.45 -0.87 -14.05
C MET A 526 22.99 -1.62 -15.25
N VAL A 527 22.11 -2.04 -16.17
CA VAL A 527 22.61 -2.74 -17.35
C VAL A 527 23.36 -1.79 -18.27
N ASP A 528 23.01 -0.50 -18.25
CA ASP A 528 23.81 0.47 -19.00
C ASP A 528 25.22 0.52 -18.44
N THR A 529 25.35 0.55 -17.11
CA THR A 529 26.68 0.65 -16.51
C THR A 529 27.47 -0.65 -16.66
N TYR A 530 26.85 -1.78 -16.37
CA TYR A 530 27.54 -3.06 -16.28
C TYR A 530 27.07 -3.99 -17.39
N PRO A 531 27.87 -4.20 -18.44
CA PRO A 531 27.41 -5.05 -19.56
C PRO A 531 27.24 -6.51 -19.19
N ASP A 532 27.82 -6.97 -18.09
CA ASP A 532 27.80 -8.38 -17.74
C ASP A 532 26.54 -8.81 -16.99
N LEU A 533 25.83 -7.88 -16.37
CA LEU A 533 24.60 -8.21 -15.67
C LEU A 533 23.49 -8.51 -16.68
N HIS A 534 22.69 -9.53 -16.39
CA HIS A 534 21.60 -9.97 -17.26
C HIS A 534 20.26 -9.68 -16.58
N VAL A 535 19.38 -9.00 -17.29
CA VAL A 535 18.03 -8.70 -16.82
C VAL A 535 17.05 -9.31 -17.82
N ILE A 536 16.10 -10.09 -17.31
CA ILE A 536 15.10 -10.74 -18.13
C ILE A 536 13.71 -10.34 -17.62
N LEU A 537 12.86 -9.85 -18.53
CA LEU A 537 11.49 -9.48 -18.21
C LEU A 537 10.54 -10.48 -18.87
N MET A 538 9.65 -11.06 -18.07
CA MET A 538 8.63 -11.95 -18.60
C MET A 538 7.25 -11.55 -18.10
N SER A 539 6.28 -11.58 -19.00
CA SER A 539 4.88 -11.35 -18.67
C SER A 539 4.02 -11.92 -19.80
N ALA A 540 2.84 -12.41 -19.43
CA ALA A 540 1.91 -12.94 -20.42
C ALA A 540 1.20 -11.84 -21.19
N THR A 541 0.95 -10.70 -20.55
CA THR A 541 0.10 -9.64 -21.10
C THR A 541 0.84 -8.31 -21.01
N ILE A 542 1.68 -8.00 -22.00
CA ILE A 542 2.43 -6.75 -22.00
C ILE A 542 2.47 -6.15 -23.39
N ASP A 543 2.77 -4.85 -23.44
CA ASP A 543 3.09 -4.16 -24.69
C ASP A 543 4.59 -4.34 -24.91
N THR A 544 4.94 -5.43 -25.58
CA THR A 544 6.34 -5.77 -25.79
C THR A 544 7.07 -4.68 -26.56
N THR A 545 6.39 -4.06 -27.53
CA THR A 545 7.02 -2.98 -28.27
C THR A 545 7.33 -1.79 -27.38
N LYS A 546 6.41 -1.44 -26.47
CA LYS A 546 6.65 -0.34 -25.55
C LYS A 546 7.83 -0.64 -24.63
N PHE A 547 7.86 -1.84 -24.05
CA PHE A 547 8.96 -2.18 -23.15
C PHE A 547 10.29 -2.27 -23.88
N SER A 548 10.29 -2.79 -25.11
CA SER A 548 11.53 -2.85 -25.88
C SER A 548 12.02 -1.47 -26.25
N LYS A 549 11.12 -0.56 -26.63
CA LYS A 549 11.52 0.81 -26.89
C LYS A 549 12.08 1.45 -25.64
N TYR A 550 11.49 1.13 -24.48
CA TYR A 550 12.02 1.65 -23.22
C TYR A 550 13.43 1.13 -22.95
N PHE A 551 13.68 -0.13 -23.29
CA PHE A 551 14.98 -0.75 -23.03
C PHE A 551 15.92 -0.71 -24.23
N GLY A 552 15.84 0.33 -25.05
CA GLY A 552 16.79 0.51 -26.14
C GLY A 552 16.76 -0.56 -27.20
N ILE A 553 15.57 -1.01 -27.61
CA ILE A 553 15.40 -2.04 -28.62
C ILE A 553 16.06 -3.33 -28.14
N CYS A 554 15.29 -4.20 -27.50
CA CYS A 554 15.80 -5.45 -26.97
C CYS A 554 14.95 -6.60 -27.48
N PRO A 555 15.50 -7.80 -27.54
CA PRO A 555 14.75 -8.93 -28.10
C PRO A 555 13.47 -9.20 -27.33
N VAL A 556 12.44 -9.58 -28.07
CA VAL A 556 11.20 -10.13 -27.49
C VAL A 556 11.09 -11.57 -27.98
N LEU A 557 11.02 -12.50 -27.04
CA LEU A 557 10.93 -13.92 -27.33
C LEU A 557 9.52 -14.39 -27.03
N GLU A 558 8.81 -14.88 -28.05
CA GLU A 558 7.42 -15.25 -27.93
C GLU A 558 7.33 -16.76 -27.76
N VAL A 559 6.63 -17.21 -26.71
CA VAL A 559 6.47 -18.61 -26.40
C VAL A 559 5.09 -19.04 -26.88
N PRO A 560 4.99 -19.84 -27.95
CA PRO A 560 3.68 -20.24 -28.46
C PRO A 560 3.08 -21.39 -27.67
N GLY A 561 1.76 -21.47 -27.73
CA GLY A 561 1.02 -22.56 -27.15
C GLY A 561 0.63 -22.33 -25.71
N ARG A 562 -0.22 -23.23 -25.21
CA ARG A 562 -0.67 -23.22 -23.83
C ARG A 562 -0.51 -24.61 -23.26
N ALA A 563 -0.45 -24.69 -21.93
CA ALA A 563 -0.45 -25.99 -21.27
C ALA A 563 -1.75 -26.73 -21.55
N PHE A 564 -2.88 -26.08 -21.27
CA PHE A 564 -4.20 -26.66 -21.44
C PHE A 564 -5.15 -25.55 -21.88
N PRO A 565 -6.20 -25.88 -22.63
CA PRO A 565 -7.13 -24.84 -23.07
C PRO A 565 -8.05 -24.40 -21.94
N VAL A 566 -8.50 -23.15 -22.02
CA VAL A 566 -9.47 -22.60 -21.09
C VAL A 566 -10.65 -22.07 -21.90
N GLN A 567 -11.85 -22.48 -21.52
CA GLN A 567 -13.06 -22.07 -22.22
C GLN A 567 -13.65 -20.85 -21.54
N GLN A 568 -14.01 -19.84 -22.32
CA GLN A 568 -14.53 -18.59 -21.78
C GLN A 568 -15.99 -18.40 -22.15
N PHE A 569 -16.77 -17.95 -21.17
CA PHE A 569 -18.16 -17.57 -21.37
C PHE A 569 -18.36 -16.16 -20.83
N PHE A 570 -19.35 -15.47 -21.37
CA PHE A 570 -19.66 -14.11 -20.96
C PHE A 570 -21.08 -14.08 -20.39
N LEU A 571 -21.54 -12.89 -20.03
CA LEU A 571 -22.82 -12.77 -19.33
C LEU A 571 -23.98 -13.28 -20.17
N GLU A 572 -23.95 -13.00 -21.48
CA GLU A 572 -24.94 -13.57 -22.39
C GLU A 572 -24.97 -15.09 -22.26
N ASP A 573 -23.81 -15.72 -22.34
CA ASP A 573 -23.73 -17.18 -22.29
C ASP A 573 -24.20 -17.71 -20.95
N ILE A 574 -23.80 -17.05 -19.86
CA ILE A 574 -24.16 -17.51 -18.52
C ILE A 574 -25.67 -17.45 -18.33
N ILE A 575 -26.29 -16.34 -18.74
CA ILE A 575 -27.74 -16.21 -18.61
C ILE A 575 -28.45 -17.23 -19.50
N GLN A 576 -27.98 -17.39 -20.74
CA GLN A 576 -28.63 -18.31 -21.66
C GLN A 576 -28.55 -19.75 -21.16
N MET A 577 -27.42 -20.13 -20.58
CA MET A 577 -27.23 -21.51 -20.16
C MET A 577 -27.74 -21.77 -18.75
N THR A 578 -28.00 -20.73 -17.96
CA THR A 578 -28.59 -20.91 -16.64
C THR A 578 -30.10 -20.72 -16.64
N ASP A 579 -30.68 -20.15 -17.70
CA ASP A 579 -32.10 -19.86 -17.76
C ASP A 579 -32.51 -18.99 -16.57
N PHE A 580 -31.65 -18.04 -16.25
CA PHE A 580 -31.77 -17.25 -15.02
C PHE A 580 -32.51 -15.95 -15.33
N VAL A 581 -33.61 -15.72 -14.62
CA VAL A 581 -34.32 -14.45 -14.68
C VAL A 581 -34.05 -13.70 -13.38
N PRO A 582 -33.75 -12.41 -13.43
CA PRO A 582 -33.61 -11.65 -12.17
C PRO A 582 -34.92 -11.63 -11.41
N SER A 583 -34.81 -11.63 -10.08
CA SER A 583 -35.98 -11.67 -9.23
C SER A 583 -36.75 -10.35 -9.31
N ALA A 584 -38.02 -10.40 -8.89
CA ALA A 584 -38.86 -9.19 -8.89
C ALA A 584 -38.23 -8.15 -8.00
N GLU A 585 -37.11 -7.55 -8.44
CA GLU A 585 -36.43 -6.49 -7.66
C GLU A 585 -36.35 -5.24 -8.53
N SER A 586 -35.66 -4.20 -8.04
CA SER A 586 -35.57 -2.92 -8.78
C SER A 586 -35.13 -3.17 -10.23
N ILE A 609 -23.51 4.51 -20.94
CA ILE A 609 -23.86 3.40 -21.81
C ILE A 609 -24.01 2.12 -21.00
N ASN A 610 -25.25 1.62 -20.90
CA ASN A 610 -25.51 0.37 -20.17
C ASN A 610 -25.25 -0.78 -21.14
N TYR A 611 -24.03 -1.32 -21.09
CA TYR A 611 -23.64 -2.36 -22.03
C TYR A 611 -24.41 -3.66 -21.83
N ASN A 612 -25.14 -3.80 -20.72
CA ASN A 612 -26.00 -4.97 -20.56
C ASN A 612 -27.25 -4.90 -21.42
N LYS A 613 -27.50 -3.76 -22.07
CA LYS A 613 -28.58 -3.64 -23.04
C LYS A 613 -28.11 -3.94 -24.46
N VAL A 614 -26.81 -4.05 -24.68
CA VAL A 614 -26.23 -4.36 -25.98
C VAL A 614 -25.97 -5.86 -26.03
N CYS A 615 -26.51 -6.52 -27.05
CA CYS A 615 -26.37 -7.97 -27.18
C CYS A 615 -26.47 -8.35 -28.65
N GLU A 616 -25.93 -9.52 -28.97
CA GLU A 616 -26.01 -10.02 -30.33
C GLU A 616 -27.36 -10.69 -30.57
N ASP A 617 -27.79 -10.66 -31.83
CA ASP A 617 -29.08 -11.25 -32.19
C ASP A 617 -29.08 -12.77 -32.08
N LYS A 618 -27.91 -13.40 -31.95
CA LYS A 618 -27.84 -14.85 -31.83
C LYS A 618 -28.44 -15.36 -30.53
N TYR A 619 -28.50 -14.54 -29.49
CA TYR A 619 -29.04 -14.95 -28.21
C TYR A 619 -30.55 -14.74 -28.18
N SER A 620 -31.20 -15.42 -27.24
CA SER A 620 -32.65 -15.39 -27.15
C SER A 620 -33.14 -14.04 -26.63
N GLN A 621 -34.40 -13.75 -26.97
CA GLN A 621 -35.02 -12.52 -26.50
C GLN A 621 -35.12 -12.51 -24.97
N LYS A 622 -35.42 -13.67 -24.39
CA LYS A 622 -35.45 -13.80 -22.93
C LYS A 622 -34.07 -13.49 -22.35
N THR A 623 -33.01 -13.99 -23.00
CA THR A 623 -31.66 -13.72 -22.53
C THR A 623 -31.34 -12.23 -22.56
N ARG A 624 -31.66 -11.56 -23.67
CA ARG A 624 -31.38 -10.13 -23.74
C ARG A 624 -32.24 -9.33 -22.76
N ASN A 625 -33.48 -9.78 -22.53
CA ASN A 625 -34.33 -9.12 -21.54
C ASN A 625 -33.72 -9.21 -20.15
N ALA A 626 -33.32 -10.41 -19.74
CA ALA A 626 -32.70 -10.58 -18.43
C ALA A 626 -31.40 -9.79 -18.34
N MET A 627 -30.64 -9.76 -19.43
CA MET A 627 -29.39 -8.99 -19.44
C MET A 627 -29.64 -7.50 -19.25
N ALA A 628 -30.61 -6.94 -19.95
CA ALA A 628 -30.92 -5.53 -19.78
C ALA A 628 -31.46 -5.24 -18.39
N MET A 629 -32.16 -6.20 -17.79
CA MET A 629 -32.69 -6.01 -16.45
C MET A 629 -31.64 -6.14 -15.36
N LEU A 630 -30.57 -6.92 -15.58
CA LEU A 630 -29.46 -6.98 -14.64
C LEU A 630 -28.65 -5.70 -14.69
N SER A 631 -28.15 -5.27 -13.54
CA SER A 631 -27.38 -4.05 -13.45
C SER A 631 -25.88 -4.34 -13.49
N GLU A 632 -25.14 -3.44 -14.14
CA GLU A 632 -23.71 -3.65 -14.32
C GLU A 632 -22.94 -3.44 -13.02
N SER A 633 -23.28 -2.38 -12.27
CA SER A 633 -22.49 -2.04 -11.08
C SER A 633 -22.84 -2.91 -9.88
N ASP A 634 -23.89 -3.71 -9.97
CA ASP A 634 -24.28 -4.57 -8.86
C ASP A 634 -23.88 -6.01 -9.12
N VAL A 635 -23.36 -6.67 -8.09
CA VAL A 635 -23.03 -8.09 -8.15
C VAL A 635 -24.24 -8.87 -7.65
N SER A 636 -24.80 -9.70 -8.52
CA SER A 636 -26.03 -10.42 -8.20
C SER A 636 -25.68 -11.74 -7.53
N PHE A 637 -25.99 -11.87 -6.25
CA PHE A 637 -25.75 -13.14 -5.56
C PHE A 637 -26.67 -14.23 -6.08
N GLU A 638 -27.88 -13.86 -6.52
CA GLU A 638 -28.76 -14.84 -7.15
C GLU A 638 -28.16 -15.38 -8.45
N LEU A 639 -27.62 -14.50 -9.28
CA LEU A 639 -26.96 -14.93 -10.51
C LEU A 639 -25.72 -15.76 -10.20
N LEU A 640 -24.95 -15.36 -9.20
CA LEU A 640 -23.78 -16.13 -8.80
C LEU A 640 -24.17 -17.52 -8.32
N GLU A 641 -25.25 -17.62 -7.54
CA GLU A 641 -25.71 -18.91 -7.06
C GLU A 641 -26.21 -19.76 -8.22
N ALA A 642 -26.89 -19.15 -9.18
CA ALA A 642 -27.34 -19.89 -10.35
C ALA A 642 -26.15 -20.43 -11.15
N LEU A 643 -25.11 -19.62 -11.31
CA LEU A 643 -23.90 -20.07 -12.01
C LEU A 643 -23.23 -21.21 -11.24
N LEU A 644 -23.14 -21.08 -9.91
CA LEU A 644 -22.53 -22.13 -9.12
C LEU A 644 -23.33 -23.42 -9.19
N MET A 645 -24.67 -23.32 -9.21
CA MET A 645 -25.49 -24.52 -9.35
C MET A 645 -25.32 -25.15 -10.72
N HIS A 646 -25.17 -24.33 -11.77
CA HIS A 646 -24.91 -24.87 -13.10
C HIS A 646 -23.56 -25.57 -13.14
N ILE A 647 -22.54 -24.99 -12.49
CA ILE A 647 -21.23 -25.62 -12.41
C ILE A 647 -21.32 -26.94 -11.65
N LYS A 648 -22.10 -26.97 -10.58
CA LYS A 648 -22.34 -28.22 -9.87
C LYS A 648 -22.98 -29.26 -10.77
N SER A 649 -23.98 -28.85 -11.56
CA SER A 649 -24.63 -29.74 -12.50
C SER A 649 -23.69 -30.22 -13.61
N LYS A 650 -22.62 -29.48 -13.87
CA LYS A 650 -21.62 -29.93 -14.84
C LYS A 650 -21.00 -31.27 -14.44
N ASN A 651 -21.02 -31.59 -13.14
CA ASN A 651 -20.44 -32.83 -12.61
C ASN A 651 -18.97 -32.96 -12.97
N ILE A 652 -18.26 -31.83 -12.95
CA ILE A 652 -16.83 -31.78 -13.25
C ILE A 652 -16.09 -31.44 -11.97
N PRO A 653 -15.23 -32.32 -11.47
CA PRO A 653 -14.47 -31.99 -10.25
C PRO A 653 -13.49 -30.84 -10.49
N GLY A 654 -13.21 -30.11 -9.45
CA GLY A 654 -12.27 -29.01 -9.50
C GLY A 654 -12.72 -27.87 -8.59
N ALA A 655 -11.75 -27.07 -8.18
CA ALA A 655 -12.03 -25.93 -7.32
C ALA A 655 -12.52 -24.74 -8.13
N ILE A 656 -13.39 -23.95 -7.53
CA ILE A 656 -13.95 -22.75 -8.13
C ILE A 656 -13.26 -21.55 -7.52
N LEU A 657 -12.75 -20.67 -8.37
CA LEU A 657 -12.07 -19.44 -7.95
C LEU A 657 -12.93 -18.27 -8.39
N VAL A 658 -13.47 -17.53 -7.43
CA VAL A 658 -14.32 -16.38 -7.69
C VAL A 658 -13.55 -15.12 -7.30
N PHE A 659 -13.46 -14.18 -8.23
CA PHE A 659 -12.69 -12.96 -8.05
C PHE A 659 -13.64 -11.84 -7.65
N LEU A 660 -13.55 -11.40 -6.41
CA LEU A 660 -14.33 -10.31 -5.87
C LEU A 660 -13.42 -9.13 -5.50
N PRO A 661 -13.88 -7.90 -5.66
CA PRO A 661 -12.96 -6.75 -5.52
C PRO A 661 -12.52 -6.45 -4.10
N GLY A 662 -13.26 -6.87 -3.08
CA GLY A 662 -12.90 -6.43 -1.74
C GLY A 662 -13.46 -7.30 -0.64
N TRP A 663 -13.04 -6.94 0.59
CA TRP A 663 -13.40 -7.71 1.78
C TRP A 663 -14.91 -7.76 1.97
N ASN A 664 -15.59 -6.63 1.82
CA ASN A 664 -17.02 -6.59 2.10
C ASN A 664 -17.79 -7.50 1.17
N LEU A 665 -17.47 -7.45 -0.12
CA LEU A 665 -18.14 -8.34 -1.08
C LEU A 665 -17.78 -9.80 -0.83
N ILE A 666 -16.50 -10.07 -0.54
CA ILE A 666 -16.06 -11.45 -0.29
C ILE A 666 -16.85 -12.05 0.86
N PHE A 667 -16.94 -11.33 1.97
CA PHE A 667 -17.56 -11.91 3.15
C PHE A 667 -19.09 -11.83 3.10
N ALA A 668 -19.66 -10.85 2.39
CA ALA A 668 -21.09 -10.87 2.12
C ALA A 668 -21.47 -12.09 1.30
N LEU A 669 -20.68 -12.40 0.27
CA LEU A 669 -20.96 -13.58 -0.55
C LEU A 669 -20.75 -14.86 0.25
N MET A 670 -19.73 -14.89 1.12
CA MET A 670 -19.52 -16.07 1.95
C MET A 670 -20.69 -16.29 2.89
N LYS A 671 -21.21 -15.22 3.50
CA LYS A 671 -22.40 -15.35 4.33
C LYS A 671 -23.58 -15.86 3.51
N PHE A 672 -23.80 -15.30 2.32
CA PHE A 672 -24.90 -15.72 1.49
C PHE A 672 -24.79 -17.20 1.11
N LEU A 673 -23.58 -17.64 0.78
CA LEU A 673 -23.39 -19.02 0.35
C LEU A 673 -23.47 -19.99 1.51
N GLN A 674 -23.05 -19.57 2.70
CA GLN A 674 -23.12 -20.44 3.87
C GLN A 674 -24.54 -20.53 4.40
N ASN A 675 -25.35 -19.48 4.21
CA ASN A 675 -26.75 -19.57 4.54
C ASN A 675 -27.54 -20.41 3.53
N THR A 676 -26.93 -20.71 2.38
CA THR A 676 -27.57 -21.56 1.38
C THR A 676 -27.50 -23.02 1.83
N ASN A 677 -28.58 -23.76 1.55
CA ASN A 677 -28.63 -25.17 1.91
C ASN A 677 -27.56 -25.97 1.17
N ILE A 678 -27.42 -25.75 -0.14
CA ILE A 678 -26.50 -26.55 -0.94
C ILE A 678 -25.06 -26.19 -0.62
N PHE A 679 -24.77 -24.90 -0.50
CA PHE A 679 -23.39 -24.45 -0.32
C PHE A 679 -23.01 -24.23 1.14
N GLY A 680 -23.95 -24.39 2.06
CA GLY A 680 -23.64 -24.33 3.47
C GLY A 680 -23.15 -25.62 4.06
N ASP A 681 -23.12 -26.69 3.26
CA ASP A 681 -22.69 -28.01 3.72
C ASP A 681 -21.18 -28.08 3.55
N THR A 682 -20.45 -28.05 4.67
CA THR A 682 -19.00 -28.16 4.61
C THR A 682 -18.55 -29.54 4.15
N SER A 683 -19.42 -30.54 4.25
CA SER A 683 -19.11 -31.87 3.73
C SER A 683 -19.16 -31.93 2.21
N GLN A 684 -19.63 -30.87 1.56
CA GLN A 684 -19.65 -30.78 0.11
C GLN A 684 -18.88 -29.59 -0.42
N TYR A 685 -18.96 -28.44 0.25
CA TYR A 685 -18.27 -27.22 -0.20
C TYR A 685 -17.55 -26.57 0.97
N GLN A 686 -16.30 -26.18 0.73
CA GLN A 686 -15.53 -25.40 1.68
C GLN A 686 -15.21 -24.05 1.04
N ILE A 687 -15.83 -23.00 1.54
CA ILE A 687 -15.65 -21.65 1.02
C ILE A 687 -14.47 -21.03 1.77
N LEU A 688 -13.48 -20.54 1.02
CA LEU A 688 -12.28 -19.99 1.61
C LEU A 688 -12.06 -18.57 1.12
N PRO A 689 -11.93 -17.59 2.01
CA PRO A 689 -11.52 -16.25 1.58
C PRO A 689 -10.06 -16.25 1.17
N CYS A 690 -9.73 -15.32 0.27
CA CYS A 690 -8.34 -15.13 -0.14
C CYS A 690 -8.11 -13.62 -0.20
N HIS A 691 -7.68 -13.05 0.93
CA HIS A 691 -7.46 -11.63 1.08
C HIS A 691 -6.07 -11.44 1.67
N SER A 692 -5.47 -10.28 1.39
CA SER A 692 -4.13 -10.04 1.95
C SER A 692 -4.15 -9.88 3.45
N GLN A 693 -5.31 -9.66 4.06
CA GLN A 693 -5.42 -9.37 5.48
C GLN A 693 -6.22 -10.42 6.22
N ILE A 694 -6.37 -11.61 5.64
CA ILE A 694 -6.82 -12.77 6.40
C ILE A 694 -5.55 -13.39 6.99
N PRO A 695 -5.65 -14.21 8.03
CA PRO A 695 -4.43 -14.79 8.63
C PRO A 695 -3.64 -15.60 7.61
N ARG A 696 -2.32 -15.62 7.80
CA ARG A 696 -1.43 -16.25 6.84
C ARG A 696 -1.69 -17.76 6.72
N ASP A 697 -2.12 -18.41 7.81
CA ASP A 697 -2.54 -19.80 7.69
C ASP A 697 -3.70 -19.94 6.72
N GLU A 698 -4.71 -19.07 6.84
CA GLU A 698 -5.82 -19.08 5.91
C GLU A 698 -5.38 -18.77 4.49
N GLN A 699 -4.45 -17.82 4.33
CA GLN A 699 -3.89 -17.55 3.01
C GLN A 699 -3.26 -18.79 2.41
N ARG A 700 -2.56 -19.58 3.24
CA ARG A 700 -2.03 -20.85 2.78
C ARG A 700 -3.14 -21.80 2.34
N LYS A 701 -4.21 -21.91 3.15
CA LYS A 701 -5.20 -22.96 2.96
C LYS A 701 -5.81 -22.99 1.56
N VAL A 702 -5.64 -21.93 0.76
CA VAL A 702 -6.16 -21.99 -0.60
C VAL A 702 -5.35 -22.98 -1.44
N PHE A 703 -4.12 -23.28 -1.03
CA PHE A 703 -3.29 -24.22 -1.76
C PHE A 703 -3.40 -25.65 -1.26
N GLU A 704 -3.73 -25.85 0.02
CA GLU A 704 -3.91 -27.20 0.52
C GLU A 704 -5.10 -27.87 -0.16
N PRO A 705 -5.02 -29.17 -0.41
CA PRO A 705 -6.17 -29.88 -0.98
C PRO A 705 -7.28 -30.04 0.04
N VAL A 706 -8.49 -30.18 -0.48
CA VAL A 706 -9.69 -30.32 0.34
C VAL A 706 -10.06 -31.79 0.35
N PRO A 707 -10.82 -32.23 1.36
CA PRO A 707 -11.14 -33.67 1.47
C PRO A 707 -11.91 -34.17 0.26
N GLU A 708 -11.79 -35.47 0.00
CA GLU A 708 -12.47 -36.09 -1.12
C GLU A 708 -13.97 -35.90 -1.00
N GLY A 709 -14.61 -35.57 -2.12
CA GLY A 709 -16.02 -35.25 -2.13
C GLY A 709 -16.35 -33.83 -1.73
N VAL A 710 -15.36 -32.99 -1.47
CA VAL A 710 -15.56 -31.60 -1.07
C VAL A 710 -15.02 -30.71 -2.17
N THR A 711 -15.85 -29.76 -2.62
CA THR A 711 -15.45 -28.76 -3.60
C THR A 711 -14.92 -27.54 -2.85
N LYS A 712 -13.81 -27.00 -3.35
CA LYS A 712 -13.23 -25.79 -2.77
C LYS A 712 -13.70 -24.57 -3.54
N ILE A 713 -14.17 -23.57 -2.83
CA ILE A 713 -14.56 -22.28 -3.41
C ILE A 713 -13.68 -21.21 -2.77
N ILE A 714 -12.94 -20.49 -3.59
CA ILE A 714 -12.02 -19.46 -3.12
C ILE A 714 -12.55 -18.11 -3.57
N LEU A 715 -12.91 -17.26 -2.61
CA LEU A 715 -13.36 -15.90 -2.86
C LEU A 715 -12.18 -14.97 -2.63
N SER A 716 -11.66 -14.40 -3.70
CA SER A 716 -10.33 -13.79 -3.67
C SER A 716 -10.36 -12.38 -4.23
N THR A 717 -9.42 -11.58 -3.75
CA THR A 717 -9.04 -10.33 -4.39
C THR A 717 -7.97 -10.63 -5.43
N ASN A 718 -7.31 -9.60 -5.92
CA ASN A 718 -6.29 -9.77 -6.94
C ASN A 718 -4.99 -10.42 -6.43
N ILE A 719 -4.88 -10.93 -5.20
CA ILE A 719 -3.67 -11.68 -4.83
C ILE A 719 -3.60 -13.00 -5.59
N ALA A 720 -4.74 -13.65 -5.79
CA ALA A 720 -4.79 -14.87 -6.60
C ALA A 720 -4.98 -14.59 -8.08
N GLU A 721 -4.72 -13.36 -8.52
CA GLU A 721 -4.97 -13.00 -9.91
C GLU A 721 -3.89 -13.54 -10.84
N THR A 722 -2.63 -13.49 -10.40
CA THR A 722 -1.50 -13.85 -11.23
C THR A 722 -0.56 -14.79 -10.48
N SER A 723 0.35 -15.39 -11.23
CA SER A 723 1.61 -15.91 -10.72
C SER A 723 1.49 -17.08 -9.74
N ILE A 724 0.28 -17.56 -9.49
CA ILE A 724 0.07 -18.69 -8.60
C ILE A 724 -0.59 -19.81 -9.38
N THR A 725 -0.34 -21.04 -8.94
CA THR A 725 -0.94 -22.23 -9.54
C THR A 725 -1.58 -23.03 -8.42
N ILE A 726 -2.88 -22.85 -8.22
CA ILE A 726 -3.65 -23.74 -7.38
C ILE A 726 -4.03 -24.95 -8.23
N ASP A 727 -3.58 -26.13 -7.81
CA ASP A 727 -3.53 -27.29 -8.70
C ASP A 727 -4.90 -27.88 -9.01
N ASP A 728 -5.98 -27.40 -8.40
CA ASP A 728 -7.31 -27.93 -8.68
C ASP A 728 -8.28 -26.86 -9.14
N ILE A 729 -7.79 -25.71 -9.61
CA ILE A 729 -8.68 -24.68 -10.16
C ILE A 729 -9.12 -25.13 -11.55
N VAL A 730 -10.43 -25.33 -11.72
CA VAL A 730 -10.99 -25.70 -13.01
C VAL A 730 -11.91 -24.58 -13.49
N PHE A 731 -12.56 -23.90 -12.54
CA PHE A 731 -13.55 -22.87 -12.86
C PHE A 731 -13.10 -21.55 -12.26
N VAL A 732 -13.06 -20.52 -13.10
CA VAL A 732 -12.75 -19.16 -12.69
C VAL A 732 -13.96 -18.30 -12.97
N ILE A 733 -14.51 -17.70 -11.92
CA ILE A 733 -15.61 -16.74 -12.04
C ILE A 733 -15.04 -15.36 -11.78
N ASP A 734 -15.17 -14.48 -12.77
CA ASP A 734 -14.65 -13.12 -12.69
C ASP A 734 -15.82 -12.15 -12.67
N ILE A 735 -15.83 -11.25 -11.68
CA ILE A 735 -16.80 -10.17 -11.63
C ILE A 735 -16.32 -8.96 -12.41
N CYS A 736 -15.03 -8.92 -12.75
CA CYS A 736 -14.42 -7.90 -13.62
C CYS A 736 -14.29 -6.55 -12.92
N LYS A 737 -14.32 -6.55 -11.60
CA LYS A 737 -14.20 -5.32 -10.82
C LYS A 737 -12.88 -5.33 -10.08
N ALA A 738 -12.21 -4.18 -10.07
CA ALA A 738 -10.95 -4.01 -9.35
C ALA A 738 -11.11 -2.89 -8.34
N ARG A 739 -10.72 -3.16 -7.10
CA ARG A 739 -10.78 -2.16 -6.03
C ARG A 739 -9.53 -1.29 -6.14
N MET A 740 -9.75 0.02 -6.15
CA MET A 740 -8.68 0.99 -6.31
C MET A 740 -8.73 1.97 -5.14
N LYS A 741 -7.57 2.46 -4.74
CA LYS A 741 -7.45 3.45 -3.69
C LYS A 741 -7.03 4.78 -4.32
N LEU A 742 -7.91 5.77 -4.25
CA LEU A 742 -7.63 7.08 -4.81
C LEU A 742 -7.24 8.04 -3.70
N PHE A 743 -6.43 9.04 -4.06
CA PHE A 743 -6.03 10.08 -3.13
C PHE A 743 -5.97 11.39 -3.91
N THR A 744 -6.68 12.40 -3.43
CA THR A 744 -6.69 13.72 -4.05
C THR A 744 -5.80 14.63 -3.21
N SER A 745 -4.74 15.14 -3.82
CA SER A 745 -3.71 15.85 -3.07
C SER A 745 -4.19 17.20 -2.54
N HIS A 746 -5.02 17.90 -3.32
CA HIS A 746 -5.35 19.28 -2.97
C HIS A 746 -6.33 19.38 -1.81
N ASN A 747 -6.97 18.28 -1.42
CA ASN A 747 -7.86 18.28 -0.27
C ASN A 747 -7.63 17.12 0.68
N ASN A 748 -6.62 16.28 0.42
CA ASN A 748 -6.22 15.19 1.31
C ASN A 748 -7.36 14.21 1.56
N LEU A 749 -8.11 13.90 0.53
CA LEU A 749 -9.21 12.94 0.62
C LEU A 749 -8.79 11.61 0.01
N THR A 750 -9.00 10.54 0.76
CA THR A 750 -8.71 9.19 0.31
C THR A 750 -10.02 8.46 0.04
N SER A 751 -10.14 7.90 -1.15
CA SER A 751 -11.38 7.26 -1.55
C SER A 751 -11.08 5.88 -2.13
N TYR A 752 -11.90 4.91 -1.75
CA TYR A 752 -11.83 3.54 -2.25
C TYR A 752 -12.87 3.37 -3.36
N ALA A 753 -12.40 3.03 -4.56
CA ALA A 753 -13.25 2.94 -5.74
C ALA A 753 -13.23 1.53 -6.29
N THR A 754 -14.41 0.98 -6.58
CA THR A 754 -14.54 -0.27 -7.33
C THR A 754 -14.75 0.08 -8.79
N VAL A 755 -13.73 -0.15 -9.61
CA VAL A 755 -13.77 0.21 -11.03
C VAL A 755 -13.71 -1.08 -11.85
N TRP A 756 -14.03 -0.93 -13.14
CA TRP A 756 -13.94 -2.06 -14.05
C TRP A 756 -12.49 -2.50 -14.21
N ALA A 757 -12.27 -3.81 -14.19
CA ALA A 757 -10.93 -4.34 -14.40
C ALA A 757 -10.54 -4.23 -15.87
N SER A 758 -9.28 -4.53 -16.14
CA SER A 758 -8.74 -4.44 -17.49
C SER A 758 -8.76 -5.79 -18.19
N LYS A 759 -8.51 -5.76 -19.50
CA LYS A 759 -8.36 -7.00 -20.25
C LYS A 759 -7.15 -7.78 -19.78
N THR A 760 -6.07 -7.08 -19.40
CA THR A 760 -4.92 -7.76 -18.80
C THR A 760 -5.32 -8.50 -17.54
N ASN A 761 -6.09 -7.84 -16.66
CA ASN A 761 -6.54 -8.50 -15.43
C ASN A 761 -7.44 -9.68 -15.75
N LEU A 762 -8.33 -9.54 -16.73
CA LEU A 762 -9.22 -10.63 -17.08
C LEU A 762 -8.44 -11.82 -17.63
N GLU A 763 -7.44 -11.56 -18.46
CA GLU A 763 -6.65 -12.65 -19.03
C GLU A 763 -5.82 -13.34 -17.96
N GLN A 764 -5.24 -12.57 -17.03
CA GLN A 764 -4.49 -13.18 -15.93
C GLN A 764 -5.39 -14.00 -15.03
N ARG A 765 -6.60 -13.50 -14.73
CA ARG A 765 -7.54 -14.26 -13.91
C ARG A 765 -7.98 -15.53 -14.63
N LYS A 766 -8.25 -15.43 -15.93
CA LYS A 766 -8.57 -16.60 -16.73
C LYS A 766 -7.43 -17.61 -16.72
N GLY A 767 -6.19 -17.11 -16.64
CA GLY A 767 -5.01 -17.96 -16.63
C GLY A 767 -4.81 -18.74 -15.35
N ARG A 768 -5.64 -18.52 -14.33
CA ARG A 768 -5.55 -19.34 -13.14
C ARG A 768 -6.04 -20.76 -13.38
N ALA A 769 -6.94 -20.96 -14.33
CA ALA A 769 -7.38 -22.28 -14.72
C ALA A 769 -6.67 -22.73 -15.99
N GLY A 770 -6.82 -24.01 -16.31
CA GLY A 770 -6.17 -24.55 -17.48
C GLY A 770 -4.68 -24.66 -17.40
N ARG A 771 -4.13 -24.89 -16.22
CA ARG A 771 -2.69 -25.04 -16.03
CA ARG A 771 -2.69 -25.04 -16.03
C ARG A 771 -2.26 -26.48 -15.82
N VAL A 772 -3.06 -27.27 -15.11
CA VAL A 772 -2.77 -28.68 -14.91
C VAL A 772 -3.82 -29.57 -15.56
N ARG A 773 -5.01 -29.05 -15.84
CA ARG A 773 -6.05 -29.75 -16.57
C ARG A 773 -6.90 -28.70 -17.28
N PRO A 774 -7.67 -29.09 -18.30
CA PRO A 774 -8.49 -28.11 -19.01
C PRO A 774 -9.48 -27.42 -18.07
N GLY A 775 -9.70 -26.13 -18.32
CA GLY A 775 -10.53 -25.33 -17.45
C GLY A 775 -11.58 -24.48 -18.13
N PHE A 776 -12.33 -23.74 -17.33
CA PHE A 776 -13.37 -22.85 -17.81
C PHE A 776 -13.20 -21.48 -17.16
N CYS A 777 -13.58 -20.44 -17.89
CA CYS A 777 -13.62 -19.09 -17.34
C CYS A 777 -15.02 -18.53 -17.54
N PHE A 778 -15.62 -18.07 -16.46
CA PHE A 778 -16.96 -17.47 -16.50
C PHE A 778 -16.81 -15.99 -16.19
N THR A 779 -16.91 -15.16 -17.22
CA THR A 779 -16.78 -13.72 -17.11
C THR A 779 -18.17 -13.13 -16.93
N LEU A 780 -18.39 -12.46 -15.80
CA LEU A 780 -19.72 -11.92 -15.48
C LEU A 780 -19.89 -10.51 -16.00
N CYS A 781 -19.58 -10.32 -17.28
CA CYS A 781 -19.82 -9.05 -17.95
C CYS A 781 -20.19 -9.36 -19.39
N SER A 782 -20.79 -8.37 -20.05
CA SER A 782 -21.27 -8.57 -21.40
C SER A 782 -20.10 -8.63 -22.37
N ARG A 783 -20.37 -9.12 -23.58
CA ARG A 783 -19.37 -9.04 -24.64
C ARG A 783 -19.13 -7.59 -25.04
N ALA A 784 -20.21 -6.80 -25.09
CA ALA A 784 -20.06 -5.38 -25.37
C ALA A 784 -19.23 -4.70 -24.28
N ARG A 785 -19.47 -5.03 -23.02
CA ARG A 785 -18.67 -4.49 -21.93
C ARG A 785 -17.21 -4.94 -22.05
N PHE A 786 -17.00 -6.21 -22.41
CA PHE A 786 -15.64 -6.73 -22.54
C PHE A 786 -14.88 -5.98 -23.63
N GLN A 787 -15.51 -5.74 -24.78
CA GLN A 787 -14.86 -4.94 -25.81
C GLN A 787 -14.67 -3.50 -25.36
N ALA A 788 -15.57 -2.98 -24.53
CA ALA A 788 -15.42 -1.63 -23.99
C ALA A 788 -14.30 -1.52 -22.97
N LEU A 789 -13.86 -2.63 -22.38
CA LEU A 789 -12.83 -2.60 -21.37
C LEU A 789 -11.51 -2.09 -21.95
N GLU A 790 -10.70 -1.51 -21.07
CA GLU A 790 -9.37 -1.06 -21.43
C GLU A 790 -8.38 -2.22 -21.39
N ASP A 791 -7.25 -2.04 -22.08
CA ASP A 791 -6.24 -3.08 -22.14
C ASP A 791 -5.54 -3.24 -20.79
N ASN A 792 -5.12 -2.13 -20.19
CA ASN A 792 -4.46 -2.15 -18.90
C ASN A 792 -5.08 -1.10 -18.00
N LEU A 793 -4.92 -1.29 -16.69
CA LEU A 793 -5.34 -0.28 -15.75
C LEU A 793 -4.32 0.86 -15.74
N THR A 794 -4.75 2.00 -15.21
CA THR A 794 -3.85 3.15 -15.13
C THR A 794 -2.75 2.87 -14.11
N PRO A 795 -1.51 3.25 -14.39
CA PRO A 795 -0.42 3.01 -13.45
C PRO A 795 -0.63 3.75 -12.13
N GLU A 796 -0.14 3.14 -11.04
CA GLU A 796 -0.21 3.77 -9.73
C GLU A 796 0.68 5.01 -9.65
N MET A 797 1.64 5.14 -10.56
CA MET A 797 2.57 6.26 -10.52
C MET A 797 1.89 7.57 -10.87
N PHE A 798 0.72 7.51 -11.49
CA PHE A 798 -0.06 8.69 -11.83
C PHE A 798 -1.04 9.11 -10.73
N ARG A 799 -1.17 8.31 -9.66
CA ARG A 799 -2.20 8.57 -8.67
C ARG A 799 -1.73 8.37 -7.24
N THR A 800 -0.46 8.04 -7.03
CA THR A 800 0.04 7.89 -5.68
C THR A 800 0.98 9.02 -5.31
N PRO A 801 1.08 9.37 -4.02
CA PRO A 801 2.12 10.31 -3.60
C PRO A 801 3.51 9.69 -3.75
N LEU A 802 4.50 10.55 -3.90
CA LEU A 802 5.83 10.13 -4.32
C LEU A 802 6.94 10.46 -3.34
N HIS A 803 6.62 10.85 -2.10
CA HIS A 803 7.68 11.24 -1.18
C HIS A 803 8.48 10.04 -0.68
N GLU A 804 7.83 8.90 -0.47
CA GLU A 804 8.57 7.69 -0.11
C GLU A 804 9.49 7.25 -1.25
N MET A 805 9.00 7.32 -2.49
CA MET A 805 9.82 7.02 -3.65
C MET A 805 11.01 7.97 -3.73
N ALA A 806 10.79 9.25 -3.45
CA ALA A 806 11.88 10.22 -3.47
C ALA A 806 12.91 9.93 -2.38
N LEU A 807 12.44 9.52 -1.20
CA LEU A 807 13.37 9.14 -0.13
C LEU A 807 14.20 7.94 -0.55
N THR A 808 13.58 6.96 -1.21
CA THR A 808 14.34 5.81 -1.70
C THR A 808 15.36 6.23 -2.77
N ILE A 809 14.98 7.15 -3.65
CA ILE A 809 15.91 7.67 -4.64
C ILE A 809 17.13 8.28 -3.96
N LYS A 810 16.89 9.11 -2.94
CA LYS A 810 17.99 9.75 -2.23
C LYS A 810 18.82 8.74 -1.43
N LEU A 811 18.18 7.72 -0.87
CA LEU A 811 18.91 6.71 -0.11
C LEU A 811 19.84 5.91 -1.01
N LEU A 812 19.38 5.52 -2.19
CA LEU A 812 20.20 4.71 -3.08
C LEU A 812 21.17 5.55 -3.89
N ARG A 813 21.21 6.87 -3.70
CA ARG A 813 22.12 7.77 -4.40
C ARG A 813 21.91 7.67 -5.92
N LEU A 814 20.66 7.73 -6.34
CA LEU A 814 20.31 7.63 -7.75
C LEU A 814 20.26 8.99 -8.44
N GLY A 815 20.57 10.07 -7.73
CA GLY A 815 20.63 11.38 -8.34
C GLY A 815 19.46 12.27 -8.03
N SER A 816 19.12 13.15 -8.97
CA SER A 816 18.01 14.08 -8.77
C SER A 816 16.67 13.35 -8.87
N ILE A 817 15.74 13.75 -8.00
CA ILE A 817 14.41 13.15 -8.03
C ILE A 817 13.71 13.45 -9.34
N HIS A 818 13.82 14.69 -9.82
CA HIS A 818 13.19 15.05 -11.09
C HIS A 818 13.74 14.23 -12.24
N HIS A 819 15.07 14.15 -12.35
CA HIS A 819 15.66 13.40 -13.46
C HIS A 819 15.33 11.92 -13.38
N PHE A 820 15.42 11.34 -12.18
CA PHE A 820 15.12 9.93 -12.02
C PHE A 820 13.68 9.62 -12.40
N LEU A 821 12.73 10.44 -11.94
CA LEU A 821 11.34 10.18 -12.27
C LEU A 821 11.04 10.48 -13.72
N SER A 822 11.79 11.40 -14.34
CA SER A 822 11.64 11.65 -15.77
C SER A 822 12.11 10.45 -16.59
N LYS A 823 13.09 9.71 -16.09
CA LYS A 823 13.56 8.52 -16.78
C LYS A 823 12.64 7.30 -16.64
N ALA A 824 11.41 7.49 -16.18
CA ALA A 824 10.53 6.36 -15.97
C ALA A 824 9.83 5.96 -17.28
N LEU A 825 9.20 4.78 -17.25
CA LEU A 825 8.45 4.30 -18.41
C LEU A 825 7.31 5.24 -18.73
N GLU A 826 6.57 5.67 -17.72
CA GLU A 826 5.62 6.76 -17.83
C GLU A 826 5.92 7.74 -16.70
N PRO A 827 6.57 8.86 -16.99
CA PRO A 827 6.97 9.80 -15.93
C PRO A 827 5.77 10.29 -15.15
N PRO A 828 5.91 10.46 -13.85
CA PRO A 828 4.78 10.84 -13.01
C PRO A 828 4.40 12.29 -13.25
N PRO A 829 3.24 12.72 -12.76
CA PRO A 829 2.89 14.14 -12.87
C PRO A 829 3.85 15.03 -12.10
N VAL A 830 4.26 16.13 -12.76
CA VAL A 830 5.30 16.99 -12.23
C VAL A 830 4.81 17.73 -10.98
N ASP A 831 3.50 18.03 -10.89
CA ASP A 831 2.97 18.62 -9.67
C ASP A 831 3.08 17.64 -8.50
N ALA A 832 2.87 16.35 -8.75
CA ALA A 832 3.08 15.36 -7.70
C ALA A 832 4.55 15.29 -7.29
N VAL A 833 5.46 15.38 -8.27
CA VAL A 833 6.89 15.40 -7.94
C VAL A 833 7.21 16.61 -7.07
N ILE A 834 6.66 17.77 -7.42
CA ILE A 834 6.89 18.99 -6.66
C ILE A 834 6.35 18.85 -5.25
N GLU A 835 5.15 18.28 -5.10
CA GLU A 835 4.57 18.08 -3.79
C GLU A 835 5.45 17.18 -2.93
N ALA A 836 5.97 16.09 -3.52
CA ALA A 836 6.84 15.19 -2.78
C ALA A 836 8.11 15.91 -2.30
N GLU A 837 8.74 16.67 -3.20
CA GLU A 837 9.96 17.38 -2.83
C GLU A 837 9.70 18.42 -1.74
N VAL A 838 8.59 19.15 -1.85
CA VAL A 838 8.26 20.16 -0.85
C VAL A 838 8.00 19.50 0.51
N LEU A 839 7.25 18.40 0.50
CA LEU A 839 6.98 17.69 1.74
C LEU A 839 8.26 17.25 2.41
N LEU A 840 9.16 16.63 1.65
CA LEU A 840 10.41 16.14 2.23
C LEU A 840 11.28 17.28 2.70
N ARG A 841 11.27 18.41 2.00
CA ARG A 841 12.07 19.55 2.43
C ARG A 841 11.53 20.18 3.71
N GLU A 842 10.20 20.27 3.84
CA GLU A 842 9.62 20.85 5.03
C GLU A 842 9.63 19.92 6.23
N MET A 843 9.74 18.61 6.03
CA MET A 843 9.95 17.70 7.14
C MET A 843 11.45 17.53 7.45
N ARG A 844 12.32 18.12 6.64
CA ARG A 844 13.77 18.15 6.83
C ARG A 844 14.42 16.78 6.70
N CYS A 845 13.81 15.89 5.91
CA CYS A 845 14.51 14.71 5.44
C CYS A 845 15.52 15.06 4.36
N LEU A 846 15.38 16.23 3.75
CA LEU A 846 16.29 16.72 2.72
C LEU A 846 16.97 17.99 3.19
N ASP A 847 18.26 18.08 2.91
CA ASP A 847 19.05 19.26 3.27
C ASP A 847 18.71 20.38 2.29
N ALA A 848 19.15 21.60 2.60
CA ALA A 848 18.88 22.74 1.73
C ALA A 848 19.44 22.56 0.33
N ASN A 849 20.43 21.69 0.16
CA ASN A 849 20.93 21.29 -1.17
C ASN A 849 20.26 20.01 -1.67
N ASP A 850 19.04 19.73 -1.20
CA ASP A 850 18.26 18.55 -1.63
C ASP A 850 19.00 17.25 -1.32
N GLU A 851 19.85 17.30 -0.30
CA GLU A 851 20.64 16.14 0.11
C GLU A 851 20.00 15.46 1.30
N LEU A 852 20.16 14.14 1.38
CA LEU A 852 19.55 13.37 2.45
C LEU A 852 20.23 13.68 3.78
N THR A 853 19.44 14.05 4.77
CA THR A 853 19.91 14.28 6.13
C THR A 853 19.99 12.94 6.87
N PRO A 854 20.64 12.90 8.04
CA PRO A 854 20.56 11.67 8.85
C PRO A 854 19.14 11.26 9.19
N LEU A 855 18.28 12.23 9.48
CA LEU A 855 16.86 11.93 9.69
C LEU A 855 16.25 11.35 8.42
N GLY A 856 16.62 11.90 7.26
CA GLY A 856 16.11 11.39 6.00
C GLY A 856 16.55 9.95 5.75
N ARG A 857 17.82 9.64 6.07
CA ARG A 857 18.30 8.26 5.93
C ARG A 857 17.54 7.32 6.84
N LEU A 858 17.42 7.68 8.12
CA LEU A 858 16.72 6.83 9.08
C LEU A 858 15.28 6.61 8.65
N LEU A 859 14.61 7.64 8.12
CA LEU A 859 13.23 7.47 7.69
C LEU A 859 13.13 6.71 6.38
N ALA A 860 14.12 6.84 5.51
CA ALA A 860 14.13 6.07 4.27
C ALA A 860 14.27 4.58 4.54
N ARG A 861 14.93 4.22 5.64
CA ARG A 861 15.05 2.80 5.97
C ARG A 861 13.83 2.22 6.67
N LEU A 862 12.81 3.04 6.96
CA LEU A 862 11.65 2.51 7.69
C LEU A 862 10.48 2.28 6.75
N PRO A 863 9.73 1.18 6.94
CA PRO A 863 8.58 0.88 6.08
C PRO A 863 7.28 1.55 6.54
N ILE A 864 7.36 2.83 6.88
CA ILE A 864 6.21 3.64 7.27
C ILE A 864 6.36 5.01 6.62
N GLU A 865 5.33 5.83 6.78
CA GLU A 865 5.40 7.19 6.26
C GLU A 865 6.49 7.97 6.97
N PRO A 866 7.16 8.90 6.29
CA PRO A 866 8.18 9.70 6.98
C PRO A 866 7.66 10.47 8.18
N ARG A 867 6.41 10.95 8.14
CA ARG A 867 5.88 11.66 9.30
C ARG A 867 5.72 10.73 10.50
N LEU A 868 5.24 9.51 10.25
CA LEU A 868 5.16 8.52 11.33
C LEU A 868 6.53 8.15 11.85
N GLY A 869 7.53 8.08 10.96
CA GLY A 869 8.88 7.78 11.41
C GLY A 869 9.47 8.89 12.25
N LYS A 870 9.20 10.14 11.88
CA LYS A 870 9.63 11.27 12.70
C LYS A 870 8.95 11.22 14.07
N MET A 871 7.65 10.89 14.08
CA MET A 871 6.93 10.73 15.34
C MET A 871 7.58 9.65 16.20
N MET A 872 7.99 8.54 15.58
CA MET A 872 8.57 7.43 16.34
C MET A 872 9.97 7.77 16.84
N VAL A 873 10.74 8.55 16.08
CA VAL A 873 12.02 9.03 16.59
C VAL A 873 11.82 9.92 17.81
N LEU A 874 10.86 10.84 17.73
CA LEU A 874 10.57 11.68 18.89
C LEU A 874 10.10 10.85 20.07
N GLY A 875 9.29 9.82 19.82
CA GLY A 875 8.84 8.95 20.90
C GLY A 875 9.97 8.18 21.54
N ALA A 876 10.95 7.77 20.72
CA ALA A 876 12.16 7.17 21.28
C ALA A 876 12.90 8.15 22.17
N VAL A 877 12.97 9.41 21.75
CA VAL A 877 13.61 10.43 22.58
C VAL A 877 12.86 10.59 23.90
N PHE A 878 11.54 10.53 23.85
CA PHE A 878 10.71 10.72 25.04
C PHE A 878 10.45 9.43 25.81
N GLY A 879 11.02 8.31 25.38
CA GLY A 879 10.92 7.08 26.14
C GLY A 879 9.68 6.26 25.91
N CYS A 880 8.89 6.57 24.89
CA CYS A 880 7.65 5.85 24.59
C CYS A 880 7.69 5.24 23.18
N ALA A 881 8.87 4.79 22.76
CA ALA A 881 9.04 4.27 21.41
C ALA A 881 8.17 3.05 21.15
N ASP A 882 7.92 2.24 22.18
CA ASP A 882 7.06 1.08 22.02
C ASP A 882 5.66 1.50 21.59
N LEU A 883 5.05 2.44 22.32
CA LEU A 883 3.71 2.91 21.98
C LEU A 883 3.70 3.65 20.65
N MET A 884 4.73 4.46 20.38
CA MET A 884 4.77 5.18 19.12
C MET A 884 4.88 4.21 17.95
N ALA A 885 5.65 3.14 18.12
CA ALA A 885 5.77 2.14 17.05
C ALA A 885 4.48 1.38 16.85
N ILE A 886 3.80 1.00 17.95
CA ILE A 886 2.55 0.25 17.79
C ILE A 886 1.50 1.14 17.12
N MET A 887 1.50 2.43 17.44
CA MET A 887 0.52 3.34 16.85
C MET A 887 0.87 3.70 15.41
N ALA A 888 2.15 3.76 15.07
CA ALA A 888 2.53 3.96 13.67
C ALA A 888 2.19 2.75 12.83
N SER A 889 2.37 1.55 13.39
CA SER A 889 1.94 0.34 12.70
C SER A 889 0.43 0.32 12.51
N TYR A 890 -0.31 0.78 13.51
CA TYR A 890 -1.75 0.89 13.38
C TYR A 890 -2.15 1.90 12.32
N SER A 891 -1.43 3.02 12.24
CA SER A 891 -1.71 4.06 11.27
C SER A 891 -1.31 3.69 9.85
N SER A 892 -0.52 2.62 9.67
CA SER A 892 -0.03 2.24 8.35
C SER A 892 -0.75 1.05 7.76
N THR A 893 -1.83 0.59 8.39
CA THR A 893 -2.58 -0.55 7.90
C THR A 893 -4.03 -0.14 7.59
N PHE A 894 -4.58 -0.76 6.56
CA PHE A 894 -6.00 -0.63 6.26
C PHE A 894 -6.84 -1.72 6.92
N SER A 895 -6.21 -2.70 7.54
CA SER A 895 -6.93 -3.73 8.26
C SER A 895 -7.62 -3.14 9.47
N GLU A 896 -8.75 -3.73 9.86
CA GLU A 896 -9.62 -3.18 10.88
C GLU A 896 -9.38 -3.87 12.22
N VAL A 897 -9.37 -3.09 13.29
CA VAL A 897 -9.13 -3.65 14.62
C VAL A 897 -10.39 -4.30 15.16
N PHE A 898 -11.53 -3.63 15.05
CA PHE A 898 -12.77 -4.10 15.65
C PHE A 898 -13.62 -4.78 14.58
N SER A 899 -14.11 -5.98 14.90
CA SER A 899 -15.00 -6.72 14.02
C SER A 899 -16.44 -6.30 14.29
N LEU A 900 -17.14 -5.89 13.23
CA LEU A 900 -18.53 -5.50 13.31
C LEU A 900 -19.41 -6.65 12.84
N ASP A 901 -20.43 -6.97 13.63
CA ASP A 901 -21.32 -8.08 13.30
C ASP A 901 -22.26 -7.67 12.16
N ILE A 902 -23.08 -8.62 11.72
CA ILE A 902 -24.05 -8.34 10.67
C ILE A 902 -25.10 -7.37 11.20
N GLY A 903 -25.30 -6.27 10.48
CA GLY A 903 -26.22 -5.25 10.93
C GLY A 903 -25.70 -4.37 12.04
N GLN A 904 -24.39 -4.40 12.30
CA GLN A 904 -23.77 -3.58 13.32
C GLN A 904 -23.25 -2.31 12.66
N ARG A 905 -24.03 -1.23 12.74
CA ARG A 905 -23.66 0.04 12.15
C ARG A 905 -22.77 0.88 13.06
N ARG A 906 -22.45 0.39 14.25
CA ARG A 906 -21.59 1.11 15.18
C ARG A 906 -20.91 0.08 16.08
N LEU A 907 -19.92 0.55 16.83
CA LEU A 907 -19.22 -0.34 17.75
C LEU A 907 -20.13 -0.77 18.89
N ALA A 908 -19.85 -1.95 19.43
CA ALA A 908 -20.58 -2.45 20.58
C ALA A 908 -20.05 -1.79 21.85
N ASN A 909 -20.82 -1.96 22.94
CA ASN A 909 -20.44 -1.35 24.21
C ASN A 909 -19.10 -1.90 24.71
N HIS A 910 -18.90 -3.21 24.61
CA HIS A 910 -17.65 -3.80 25.09
C HIS A 910 -16.47 -3.37 24.24
N GLN A 911 -16.67 -3.21 22.93
CA GLN A 911 -15.61 -2.70 22.08
C GLN A 911 -15.29 -1.24 22.39
N LYS A 912 -16.31 -0.43 22.67
CA LYS A 912 -16.09 0.98 23.00
C LYS A 912 -15.40 1.14 24.35
N ALA A 913 -15.73 0.27 25.32
CA ALA A 913 -15.16 0.38 26.65
C ALA A 913 -13.65 0.13 26.68
N LEU A 914 -13.08 -0.40 25.60
CA LEU A 914 -11.63 -0.62 25.55
C LEU A 914 -10.87 0.69 25.57
N SER A 915 -11.45 1.76 25.01
CA SER A 915 -10.83 3.07 25.11
C SER A 915 -10.99 3.68 26.50
N GLY A 916 -11.91 3.15 27.29
CA GLY A 916 -12.12 3.67 28.63
C GLY A 916 -12.61 5.09 28.58
N THR A 917 -11.95 5.96 29.33
CA THR A 917 -12.28 7.38 29.38
C THR A 917 -11.35 8.23 28.51
N LYS A 918 -10.40 7.61 27.81
CA LYS A 918 -9.43 8.37 27.02
C LYS A 918 -10.03 8.91 25.73
N CYS A 919 -11.13 8.35 25.25
CA CYS A 919 -11.78 8.80 24.01
C CYS A 919 -10.80 8.76 22.84
N SER A 920 -10.16 7.61 22.64
CA SER A 920 -9.14 7.48 21.61
C SER A 920 -9.19 6.11 20.97
N ASP A 921 -9.32 6.08 19.64
CA ASP A 921 -9.22 4.83 18.91
C ASP A 921 -7.85 4.20 19.08
N HIS A 922 -6.82 5.04 19.14
CA HIS A 922 -5.46 4.55 19.33
C HIS A 922 -5.29 3.90 20.71
N VAL A 923 -5.87 4.52 21.74
CA VAL A 923 -5.80 3.93 23.08
C VAL A 923 -6.58 2.63 23.12
N ALA A 924 -7.74 2.59 22.47
CA ALA A 924 -8.51 1.34 22.40
C ALA A 924 -7.71 0.25 21.71
N MET A 925 -7.03 0.59 20.60
CA MET A 925 -6.19 -0.36 19.89
C MET A 925 -5.06 -0.86 20.78
N ILE A 926 -4.42 0.05 21.53
CA ILE A 926 -3.30 -0.33 22.39
C ILE A 926 -3.77 -1.26 23.51
N VAL A 927 -4.92 -0.97 24.11
CA VAL A 927 -5.45 -1.83 25.16
C VAL A 927 -5.80 -3.20 24.59
N ALA A 928 -6.42 -3.24 23.41
CA ALA A 928 -6.69 -4.50 22.76
C ALA A 928 -5.42 -5.28 22.49
N SER A 929 -4.37 -4.60 22.03
CA SER A 929 -3.10 -5.25 21.76
C SER A 929 -2.49 -5.83 23.03
N GLN A 930 -2.57 -5.09 24.14
CA GLN A 930 -2.02 -5.58 25.40
C GLN A 930 -2.75 -6.83 25.86
N MET A 931 -4.09 -6.79 25.85
CA MET A 931 -4.84 -7.97 26.29
C MET A 931 -4.64 -9.14 25.32
N TRP A 932 -4.47 -8.86 24.03
CA TRP A 932 -4.28 -9.93 23.07
C TRP A 932 -2.90 -10.56 23.21
N ARG A 933 -1.89 -9.77 23.53
CA ARG A 933 -0.59 -10.33 23.87
C ARG A 933 -0.68 -11.22 25.11
N ARG A 934 -1.41 -10.75 26.13
CA ARG A 934 -1.56 -11.56 27.34
C ARG A 934 -2.24 -12.90 27.03
N GLU A 935 -3.31 -12.87 26.22
CA GLU A 935 -4.03 -14.11 25.95
C GLU A 935 -3.31 -14.97 24.93
N LYS A 936 -2.46 -14.36 24.09
CA LYS A 936 -1.68 -15.10 23.12
C LYS A 936 -0.53 -15.84 23.79
N GLN A 937 0.04 -15.27 24.84
CA GLN A 937 1.11 -15.95 25.56
C GLN A 937 0.64 -17.27 26.15
N ARG A 938 -0.67 -17.46 26.36
CA ARG A 938 -1.19 -18.69 26.91
C ARG A 938 -1.61 -19.70 25.85
N GLY A 939 -1.59 -19.34 24.56
CA GLY A 939 -1.90 -20.29 23.52
C GLY A 939 -2.71 -19.74 22.35
N GLU A 940 -2.54 -20.35 21.18
CA GLU A 940 -3.20 -19.86 19.97
C GLU A 940 -4.72 -20.00 20.06
N HIS A 941 -5.20 -21.12 20.60
CA HIS A 941 -6.65 -21.31 20.72
C HIS A 941 -7.26 -20.28 21.66
N MET A 942 -6.61 -20.02 22.79
CA MET A 942 -7.11 -19.00 23.70
C MET A 942 -7.03 -17.61 23.07
N GLU A 943 -5.99 -17.36 22.28
CA GLU A 943 -5.91 -16.11 21.53
C GLU A 943 -7.11 -15.94 20.61
N ALA A 944 -7.41 -16.97 19.82
CA ALA A 944 -8.54 -16.88 18.90
C ALA A 944 -9.84 -16.69 19.67
N ARG A 945 -10.01 -17.41 20.78
CA ARG A 945 -11.22 -17.25 21.59
C ARG A 945 -11.34 -15.83 22.11
N PHE A 946 -10.24 -15.25 22.58
CA PHE A 946 -10.27 -13.88 23.08
C PHE A 946 -10.65 -12.89 22.01
N CYS A 947 -10.07 -13.01 20.81
CA CYS A 947 -10.41 -12.10 19.74
C CYS A 947 -11.87 -12.24 19.33
N ASP A 948 -12.34 -13.48 19.17
CA ASP A 948 -13.72 -13.69 18.77
C ASP A 948 -14.70 -13.26 19.85
N TRP A 949 -14.27 -13.23 21.11
CA TRP A 949 -15.15 -12.79 22.18
C TRP A 949 -15.20 -11.27 22.26
N LYS A 950 -14.04 -10.62 22.33
CA LYS A 950 -14.00 -9.17 22.49
C LYS A 950 -14.29 -8.41 21.19
N GLY A 951 -14.36 -9.09 20.05
CA GLY A 951 -14.66 -8.41 18.82
C GLY A 951 -13.46 -7.80 18.14
N LEU A 952 -12.34 -8.53 18.10
CA LEU A 952 -11.12 -8.08 17.44
C LEU A 952 -10.88 -8.88 16.18
N GLN A 953 -9.91 -8.42 15.39
CA GLN A 953 -9.43 -9.15 14.24
C GLN A 953 -8.02 -9.65 14.53
N MET A 954 -7.88 -10.97 14.65
CA MET A 954 -6.59 -11.55 15.00
C MET A 954 -5.54 -11.24 13.94
N SER A 955 -5.93 -11.22 12.66
CA SER A 955 -5.00 -10.87 11.60
C SER A 955 -4.49 -9.45 11.76
N THR A 956 -5.38 -8.50 12.09
CA THR A 956 -4.96 -7.13 12.33
C THR A 956 -4.02 -7.05 13.51
N MET A 957 -4.35 -7.73 14.61
CA MET A 957 -3.48 -7.70 15.78
C MET A 957 -2.09 -8.24 15.43
N ASN A 958 -2.03 -9.35 14.70
CA ASN A 958 -0.75 -9.96 14.37
C ASN A 958 0.07 -9.08 13.44
N VAL A 959 -0.57 -8.50 12.41
CA VAL A 959 0.20 -7.68 11.48
C VAL A 959 0.68 -6.40 12.17
N ILE A 960 -0.14 -5.83 13.06
CA ILE A 960 0.27 -4.65 13.79
C ILE A 960 1.46 -4.98 14.69
N TRP A 961 1.41 -6.13 15.37
CA TRP A 961 2.54 -6.53 16.21
C TRP A 961 3.79 -6.77 15.38
N ASP A 962 3.66 -7.41 14.23
CA ASP A 962 4.82 -7.66 13.38
C ASP A 962 5.45 -6.37 12.90
N ALA A 963 4.62 -5.42 12.44
CA ALA A 963 5.15 -4.15 11.96
C ALA A 963 5.80 -3.36 13.09
N LYS A 964 5.20 -3.38 14.28
CA LYS A 964 5.79 -2.68 15.43
C LYS A 964 7.13 -3.30 15.82
N GLN A 965 7.20 -4.63 15.85
CA GLN A 965 8.46 -5.29 16.16
C GLN A 965 9.52 -4.97 15.12
N GLN A 966 9.15 -4.96 13.84
CA GLN A 966 10.10 -4.61 12.79
C GLN A 966 10.61 -3.19 12.95
N LEU A 967 9.72 -2.25 13.27
CA LEU A 967 10.15 -0.87 13.51
C LEU A 967 11.12 -0.79 14.69
N LEU A 968 10.83 -1.51 15.76
CA LEU A 968 11.71 -1.49 16.92
C LEU A 968 13.08 -2.09 16.60
N ASP A 969 13.12 -3.19 15.84
CA ASP A 969 14.40 -3.74 15.42
C ASP A 969 15.17 -2.77 14.54
N LEU A 970 14.48 -2.08 13.63
CA LEU A 970 15.16 -1.09 12.80
C LEU A 970 15.72 0.05 13.63
N LEU A 971 14.96 0.51 14.63
CA LEU A 971 15.47 1.55 15.52
C LEU A 971 16.69 1.06 16.30
N GLN A 972 16.65 -0.20 16.76
CA GLN A 972 17.81 -0.76 17.45
C GLN A 972 19.02 -0.84 16.52
N GLN A 973 18.80 -1.23 15.26
CA GLN A 973 19.90 -1.30 14.31
C GLN A 973 20.50 0.08 14.04
N ALA A 974 19.65 1.10 13.98
CA ALA A 974 20.12 2.45 13.74
C ALA A 974 20.95 3.00 14.90
N GLY A 975 20.88 2.40 16.08
CA GLY A 975 21.71 2.79 17.20
C GLY A 975 20.95 3.28 18.42
N PHE A 976 19.64 3.39 18.36
CA PHE A 976 18.87 3.85 19.51
C PHE A 976 18.95 2.82 20.64
N PRO A 977 19.08 3.27 21.89
CA PRO A 977 19.25 2.32 23.00
C PRO A 977 17.99 1.50 23.24
N GLU A 978 18.19 0.33 23.85
CA GLU A 978 17.06 -0.53 24.18
C GLU A 978 16.21 0.07 25.31
N GLU A 979 16.81 0.88 26.17
CA GLU A 979 16.07 1.44 27.30
C GLU A 979 14.97 2.39 26.87
N CYS A 980 15.08 2.97 25.67
CA CYS A 980 14.10 3.93 25.17
C CYS A 980 12.91 3.25 24.50
N MET A 981 12.90 1.92 24.41
CA MET A 981 11.78 1.19 23.82
C MET A 981 11.23 0.15 24.78
N ILE A 982 11.37 0.40 26.09
CA ILE A 982 10.81 -0.51 27.07
C ILE A 982 9.28 -0.41 27.05
N SER A 983 8.63 -1.56 27.03
CA SER A 983 7.17 -1.59 26.94
C SER A 983 6.54 -1.01 28.20
N HIS A 984 5.51 -0.19 28.00
CA HIS A 984 4.78 0.43 29.10
C HIS A 984 3.30 0.02 29.01
N GLU A 985 2.78 -0.51 30.11
CA GLU A 985 1.36 -0.86 30.18
C GLU A 985 0.52 0.41 30.30
N VAL A 986 -0.65 0.40 29.68
CA VAL A 986 -1.56 1.53 29.69
C VAL A 986 -2.84 1.12 30.39
N ASP A 987 -3.24 1.90 31.39
CA ASP A 987 -4.51 1.68 32.11
C ASP A 987 -5.49 2.74 31.62
N GLU A 988 -6.36 2.35 30.70
CA GLU A 988 -7.32 3.29 30.14
C GLU A 988 -8.42 3.66 31.12
N ARG A 989 -8.64 2.85 32.16
CA ARG A 989 -9.71 3.11 33.11
C ARG A 989 -9.40 4.29 34.04
N ILE A 990 -8.16 4.76 34.09
CA ILE A 990 -7.82 5.87 34.96
C ILE A 990 -8.41 7.15 34.38
N ASP A 991 -9.29 7.79 35.15
CA ASP A 991 -9.89 9.06 34.75
C ASP A 991 -9.04 10.17 35.35
N GLY A 992 -8.12 10.69 34.54
CA GLY A 992 -7.20 11.72 35.01
C GLY A 992 -6.06 11.90 34.03
N ASP A 993 -4.86 11.97 34.58
CA ASP A 993 -3.65 12.15 33.78
C ASP A 993 -2.82 10.87 33.75
N ASP A 994 -2.02 10.73 32.69
CA ASP A 994 -1.15 9.58 32.51
C ASP A 994 0.01 10.03 31.63
N PRO A 995 1.15 10.41 32.21
CA PRO A 995 2.15 11.18 31.44
C PRO A 995 2.65 10.49 30.18
N VAL A 996 2.91 9.19 30.23
CA VAL A 996 3.44 8.51 29.06
C VAL A 996 2.41 8.47 27.93
N LEU A 997 1.18 8.08 28.27
CA LEU A 997 0.12 8.07 27.27
C LEU A 997 -0.16 9.46 26.74
N ASP A 998 -0.02 10.49 27.59
CA ASP A 998 -0.30 11.85 27.15
C ASP A 998 0.76 12.34 26.17
N VAL A 999 2.04 12.06 26.44
CA VAL A 999 3.07 12.43 25.47
C VAL A 999 2.92 11.62 24.19
N SER A 1000 2.47 10.36 24.30
CA SER A 1000 2.22 9.57 23.09
C SER A 1000 1.11 10.18 22.24
N LEU A 1001 0.01 10.58 22.87
CA LEU A 1001 -1.08 11.19 22.12
C LEU A 1001 -0.68 12.55 21.56
N ALA A 1002 0.17 13.29 22.28
CA ALA A 1002 0.69 14.53 21.75
C ALA A 1002 1.55 14.30 20.51
N LEU A 1003 2.32 13.21 20.52
CA LEU A 1003 3.15 12.91 19.35
C LEU A 1003 2.31 12.38 18.19
N LEU A 1004 1.13 11.82 18.47
CA LEU A 1004 0.20 11.53 17.39
C LEU A 1004 -0.19 12.78 16.60
N CYS A 1005 -0.22 13.94 17.25
CA CYS A 1005 -0.55 15.17 16.54
C CYS A 1005 0.53 15.51 15.52
N LEU A 1006 1.80 15.30 15.86
CA LEU A 1006 2.88 15.54 14.90
C LEU A 1006 2.91 14.46 13.82
N GLY A 1007 2.61 13.21 14.20
CA GLY A 1007 2.68 12.11 13.25
C GLY A 1007 1.47 11.98 12.35
N LEU A 1008 0.38 12.66 12.65
CA LEU A 1008 -0.84 12.60 11.87
C LEU A 1008 -1.25 13.95 11.29
N TYR A 1009 -0.38 14.95 11.36
CA TYR A 1009 -0.71 16.27 10.85
C TYR A 1009 -0.97 16.21 9.35
N PRO A 1010 -1.95 16.96 8.83
CA PRO A 1010 -2.78 17.96 9.50
C PRO A 1010 -4.16 17.49 9.90
N ASN A 1011 -4.30 16.20 10.23
CA ASN A 1011 -5.61 15.61 10.46
C ASN A 1011 -6.09 15.92 11.87
N ILE A 1012 -6.48 17.18 12.07
CA ILE A 1012 -7.08 17.65 13.31
C ILE A 1012 -8.52 18.05 13.00
N CYS A 1013 -9.47 17.54 13.79
CA CYS A 1013 -10.87 17.90 13.63
C CYS A 1013 -11.44 18.34 14.97
N VAL A 1014 -12.44 19.21 14.92
CA VAL A 1014 -13.08 19.78 16.09
C VAL A 1014 -14.54 19.35 16.11
N HIS A 1015 -14.97 18.77 17.23
CA HIS A 1015 -16.32 18.26 17.33
C HIS A 1015 -17.32 19.41 17.45
N LYS A 1016 -18.42 19.32 16.69
CA LYS A 1016 -19.51 20.27 16.81
C LYS A 1016 -20.67 19.69 17.62
N GLU A 1017 -21.26 18.59 17.15
CA GLU A 1017 -22.29 17.87 17.89
C GLU A 1017 -22.48 16.50 17.24
N LYS A 1018 -22.83 15.51 18.06
CA LYS A 1018 -23.08 14.16 17.60
C LYS A 1018 -21.90 13.61 16.80
N ARG A 1019 -22.12 13.30 15.53
CA ARG A 1019 -21.08 12.82 14.65
C ARG A 1019 -20.41 13.94 13.84
N LYS A 1020 -20.93 15.16 13.92
CA LYS A 1020 -20.45 16.24 13.07
C LYS A 1020 -19.17 16.84 13.65
N VAL A 1021 -18.13 16.91 12.82
CA VAL A 1021 -16.88 17.54 13.18
C VAL A 1021 -16.47 18.48 12.06
N LEU A 1022 -15.55 19.38 12.36
CA LEU A 1022 -15.04 20.35 11.39
C LEU A 1022 -13.56 20.09 11.17
N THR A 1023 -13.16 19.90 9.91
CA THR A 1023 -11.76 19.78 9.57
C THR A 1023 -11.20 21.15 9.20
N THR A 1024 -9.99 21.17 8.63
CA THR A 1024 -9.29 22.43 8.38
C THR A 1024 -10.14 23.40 7.58
N GLU A 1025 -10.15 24.65 8.00
CA GLU A 1025 -10.99 25.71 7.44
C GLU A 1025 -12.48 25.39 7.60
N SER A 1026 -12.83 24.71 8.69
CA SER A 1026 -14.22 24.50 9.09
C SER A 1026 -15.02 23.76 8.01
N LYS A 1027 -14.45 22.68 7.48
CA LYS A 1027 -15.14 21.86 6.50
C LYS A 1027 -15.88 20.73 7.21
N ALA A 1028 -17.12 20.50 6.78
CA ALA A 1028 -17.96 19.50 7.43
C ALA A 1028 -17.40 18.10 7.20
N ALA A 1029 -17.50 17.28 8.24
CA ALA A 1029 -17.12 15.88 8.17
C ALA A 1029 -17.87 15.15 9.27
N LEU A 1030 -17.88 13.82 9.17
CA LEU A 1030 -18.57 12.99 10.14
C LEU A 1030 -17.59 12.04 10.80
N LEU A 1031 -17.91 11.67 12.04
CA LEU A 1031 -17.15 10.62 12.71
C LEU A 1031 -17.49 9.27 12.10
N HIS A 1032 -16.46 8.47 11.85
CA HIS A 1032 -16.66 7.18 11.20
C HIS A 1032 -17.44 6.24 12.10
N LYS A 1033 -18.21 5.35 11.47
CA LYS A 1033 -19.08 4.45 12.21
C LYS A 1033 -18.32 3.46 13.08
N THR A 1034 -17.04 3.24 12.79
CA THR A 1034 -16.23 2.26 13.52
C THR A 1034 -15.45 2.86 14.67
N SER A 1035 -15.63 4.16 14.95
CA SER A 1035 -14.84 4.81 15.99
C SER A 1035 -15.53 4.70 17.35
N VAL A 1036 -14.72 4.59 18.40
CA VAL A 1036 -15.24 4.54 19.75
C VAL A 1036 -15.92 5.85 20.14
N ASN A 1037 -15.60 6.95 19.45
CA ASN A 1037 -16.16 8.25 19.73
C ASN A 1037 -17.47 8.50 18.98
N CYS A 1038 -17.90 7.57 18.15
CA CYS A 1038 -19.14 7.72 17.40
C CYS A 1038 -20.32 7.26 18.25
N SER A 1039 -21.37 8.09 18.30
CA SER A 1039 -22.55 7.76 19.08
C SER A 1039 -23.74 8.51 18.48
N ASN A 1040 -24.93 7.92 18.63
CA ASN A 1040 -26.15 8.55 18.16
C ASN A 1040 -26.64 9.67 19.08
N LEU A 1041 -26.33 9.59 20.37
CA LEU A 1041 -26.81 10.57 21.33
C LEU A 1041 -25.92 11.82 21.31
N ALA A 1042 -26.37 12.84 22.05
CA ALA A 1042 -25.65 14.11 22.14
C ALA A 1042 -24.49 13.97 23.12
N VAL A 1043 -23.43 13.32 22.64
CA VAL A 1043 -22.25 13.07 23.46
C VAL A 1043 -21.48 14.37 23.68
N THR A 1044 -20.94 14.54 24.88
CA THR A 1044 -20.06 15.65 25.21
C THR A 1044 -18.69 15.11 25.57
N PHE A 1045 -17.66 15.65 24.94
CA PHE A 1045 -16.31 15.16 25.19
C PHE A 1045 -15.58 16.12 26.12
N PRO A 1046 -14.61 15.61 26.91
CA PRO A 1046 -13.84 16.52 27.78
C PRO A 1046 -13.15 17.62 27.00
N TYR A 1047 -12.69 17.33 25.79
CA TYR A 1047 -12.17 18.33 24.88
C TYR A 1047 -12.74 18.08 23.49
N PRO A 1048 -12.94 19.12 22.69
CA PRO A 1048 -13.55 18.95 21.35
C PRO A 1048 -12.56 18.67 20.23
N PHE A 1049 -11.26 18.72 20.48
CA PHE A 1049 -10.24 18.60 19.45
C PHE A 1049 -9.80 17.16 19.33
N PHE A 1050 -9.81 16.64 18.09
CA PHE A 1050 -9.48 15.26 17.81
C PHE A 1050 -8.42 15.19 16.73
N VAL A 1051 -7.55 14.20 16.81
CA VAL A 1051 -6.62 13.85 15.75
C VAL A 1051 -7.05 12.50 15.18
N PHE A 1052 -7.04 12.38 13.87
CA PHE A 1052 -7.52 11.17 13.21
C PHE A 1052 -6.51 10.70 12.18
N GLY A 1053 -6.56 9.41 11.88
CA GLY A 1053 -5.63 8.80 10.95
C GLY A 1053 -5.74 9.29 9.54
N GLU A 1054 -6.91 9.11 8.92
CA GLU A 1054 -7.09 9.45 7.52
C GLU A 1054 -8.51 9.92 7.27
N LYS A 1055 -8.66 10.71 6.20
CA LYS A 1055 -9.93 11.33 5.83
C LYS A 1055 -10.45 10.63 4.57
N ILE A 1056 -11.67 10.10 4.67
CA ILE A 1056 -12.24 9.25 3.63
C ILE A 1056 -13.39 10.00 2.96
N ARG A 1057 -13.43 9.95 1.63
CA ARG A 1057 -14.58 10.47 0.88
C ARG A 1057 -15.55 9.32 0.64
N THR A 1058 -16.74 9.44 1.22
CA THR A 1058 -17.84 8.49 1.02
C THR A 1058 -19.02 9.35 0.60
N ARG A 1059 -20.23 8.80 0.71
CA ARG A 1059 -21.43 9.62 0.57
C ARG A 1059 -21.35 10.87 1.44
N ALA A 1060 -20.54 10.82 2.49
CA ALA A 1060 -20.11 12.00 3.23
C ALA A 1060 -18.64 11.84 3.60
N VAL A 1061 -17.98 12.97 3.88
CA VAL A 1061 -16.59 12.93 4.32
C VAL A 1061 -16.54 12.43 5.76
N SER A 1062 -15.68 11.46 6.02
CA SER A 1062 -15.57 10.83 7.34
C SER A 1062 -14.17 10.97 7.88
N CYS A 1063 -14.07 11.05 9.22
CA CYS A 1063 -12.80 10.99 9.92
C CYS A 1063 -12.72 9.65 10.64
N LYS A 1064 -11.57 9.00 10.55
CA LYS A 1064 -11.40 7.65 11.07
C LYS A 1064 -10.15 7.57 11.92
N GLN A 1065 -10.15 6.64 12.88
CA GLN A 1065 -9.09 6.49 13.87
C GLN A 1065 -8.90 7.77 14.69
N LEU A 1066 -9.94 8.13 15.42
CA LEU A 1066 -9.97 9.39 16.16
C LEU A 1066 -9.24 9.25 17.49
N SER A 1067 -8.62 10.34 17.93
CA SER A 1067 -7.97 10.39 19.23
C SER A 1067 -8.17 11.77 19.83
N MET A 1068 -8.83 11.83 20.98
CA MET A 1068 -9.05 13.08 21.68
C MET A 1068 -7.73 13.62 22.23
N VAL A 1069 -7.46 14.89 21.95
CA VAL A 1069 -6.22 15.55 22.34
C VAL A 1069 -6.52 16.88 22.98
N SER A 1070 -5.60 17.36 23.79
CA SER A 1070 -5.78 18.59 24.54
CA SER A 1070 -5.79 18.60 24.53
C SER A 1070 -5.32 19.80 23.72
N PRO A 1071 -5.84 20.99 24.03
CA PRO A 1071 -5.43 22.19 23.26
C PRO A 1071 -3.95 22.46 23.29
N LEU A 1072 -3.27 22.23 24.41
CA LEU A 1072 -1.82 22.42 24.44
C LEU A 1072 -1.11 21.41 23.54
N GLN A 1073 -1.58 20.15 23.52
CA GLN A 1073 -1.01 19.18 22.60
C GLN A 1073 -1.18 19.63 21.15
N VAL A 1074 -2.38 20.13 20.81
CA VAL A 1074 -2.62 20.58 19.45
C VAL A 1074 -1.71 21.75 19.10
N ILE A 1075 -1.61 22.74 20.00
CA ILE A 1075 -0.79 23.91 19.73
C ILE A 1075 0.67 23.53 19.57
N LEU A 1076 1.16 22.61 20.41
CA LEU A 1076 2.57 22.27 20.38
C LEU A 1076 2.92 21.40 19.18
N PHE A 1077 2.07 20.43 18.85
CA PHE A 1077 2.46 19.42 17.85
C PHE A 1077 1.57 19.38 16.62
N GLY A 1078 0.26 19.55 16.77
CA GLY A 1078 -0.64 19.46 15.63
C GLY A 1078 -0.89 20.78 14.95
N SER A 1079 0.15 21.57 14.76
CA SER A 1079 0.02 22.84 14.05
C SER A 1079 1.37 23.24 13.49
N ARG A 1080 1.34 24.14 12.50
CA ARG A 1080 2.54 24.78 11.99
C ARG A 1080 2.52 26.30 12.09
N LYS A 1081 1.35 26.92 12.01
CA LYS A 1081 1.22 28.36 12.07
C LYS A 1081 0.43 28.76 13.31
N ILE A 1082 0.98 29.69 14.09
CA ILE A 1082 0.31 30.28 15.24
C ILE A 1082 0.38 31.79 15.09
N ASP A 1083 -0.78 32.44 15.01
CA ASP A 1083 -0.86 33.87 14.75
C ASP A 1083 -1.70 34.56 15.80
N LEU A 1084 -1.42 35.84 16.00
CA LEU A 1084 -2.18 36.69 16.90
C LEU A 1084 -3.24 37.42 16.10
N ALA A 1085 -4.50 37.17 16.40
CA ALA A 1085 -5.62 37.77 15.70
C ALA A 1085 -6.21 38.91 16.53
N ALA A 1086 -7.33 39.44 16.08
CA ALA A 1086 -7.99 40.52 16.78
C ALA A 1086 -8.60 40.03 18.09
N ASN A 1087 -8.86 40.97 19.00
CA ASN A 1087 -9.39 40.69 20.33
C ASN A 1087 -8.51 39.71 21.10
N ASN A 1088 -7.20 39.75 20.85
CA ASN A 1088 -6.21 38.95 21.56
C ASN A 1088 -6.55 37.46 21.54
N ILE A 1089 -7.02 36.96 20.40
CA ILE A 1089 -7.34 35.55 20.23
C ILE A 1089 -6.28 34.93 19.36
N VAL A 1090 -5.64 33.87 19.85
CA VAL A 1090 -4.53 33.23 19.16
C VAL A 1090 -5.10 32.19 18.21
N ARG A 1091 -4.64 32.23 16.96
CA ARG A 1091 -5.17 31.38 15.89
C ARG A 1091 -4.09 30.41 15.44
N VAL A 1092 -4.43 29.13 15.37
CA VAL A 1092 -3.51 28.09 14.90
C VAL A 1092 -4.11 27.45 13.65
N ASP A 1093 -3.25 27.18 12.67
CA ASP A 1093 -3.64 26.59 11.39
C ASP A 1093 -4.68 27.42 10.65
N ASN A 1094 -4.75 28.72 10.96
CA ASN A 1094 -5.59 29.71 10.31
C ASN A 1094 -7.08 29.46 10.51
N TRP A 1095 -7.47 28.47 11.32
CA TRP A 1095 -8.89 28.24 11.57
C TRP A 1095 -9.24 27.95 13.01
N LEU A 1096 -8.29 27.65 13.89
CA LEU A 1096 -8.60 27.30 15.27
C LEU A 1096 -8.23 28.45 16.20
N ASN A 1097 -9.22 28.96 16.93
CA ASN A 1097 -9.06 30.10 17.80
C ASN A 1097 -8.95 29.63 19.25
N PHE A 1098 -7.95 30.15 19.95
CA PHE A 1098 -7.72 29.82 21.35
C PHE A 1098 -7.63 31.10 22.18
N ASP A 1099 -8.28 31.09 23.33
CA ASP A 1099 -8.23 32.21 24.27
C ASP A 1099 -7.07 31.97 25.23
N ILE A 1100 -5.87 32.21 24.73
CA ILE A 1100 -4.64 32.03 25.49
C ILE A 1100 -3.85 33.34 25.41
N GLU A 1101 -3.04 33.58 26.42
CA GLU A 1101 -2.22 34.79 26.43
C GLU A 1101 -1.27 34.76 25.23
N PRO A 1102 -1.18 35.83 24.45
CA PRO A 1102 -0.27 35.82 23.30
C PRO A 1102 1.19 35.58 23.66
N GLU A 1103 1.64 36.11 24.80
CA GLU A 1103 3.02 35.87 25.22
C GLU A 1103 3.25 34.39 25.52
N LEU A 1104 2.29 33.76 26.22
CA LEU A 1104 2.39 32.34 26.49
C LEU A 1104 2.35 31.52 25.20
N ALA A 1105 1.49 31.91 24.26
CA ALA A 1105 1.42 31.21 22.99
C ALA A 1105 2.72 31.32 22.22
N ALA A 1106 3.34 32.50 22.23
CA ALA A 1106 4.63 32.68 21.58
C ALA A 1106 5.70 31.83 22.24
N LYS A 1107 5.69 31.78 23.58
CA LYS A 1107 6.66 30.95 24.29
C LYS A 1107 6.50 29.48 23.94
N ILE A 1108 5.25 29.01 23.87
CA ILE A 1108 5.02 27.60 23.56
C ILE A 1108 5.40 27.30 22.12
N GLY A 1109 5.12 28.23 21.20
CA GLY A 1109 5.52 28.05 19.82
C GLY A 1109 7.02 28.12 19.62
N ALA A 1110 7.74 28.79 20.51
CA ALA A 1110 9.20 28.79 20.45
C ALA A 1110 9.79 27.42 20.72
N LEU A 1111 9.03 26.51 21.32
CA LEU A 1111 9.53 25.16 21.60
C LEU A 1111 9.51 24.26 20.38
N LYS A 1112 8.76 24.61 19.34
CA LYS A 1112 8.72 23.79 18.13
C LYS A 1112 10.08 23.70 17.45
N PRO A 1113 10.80 24.80 17.19
CA PRO A 1113 12.17 24.65 16.69
C PRO A 1113 13.08 23.91 17.64
N ALA A 1114 12.84 24.03 18.96
CA ALA A 1114 13.62 23.26 19.92
C ALA A 1114 13.41 21.76 19.73
N LEU A 1115 12.16 21.35 19.51
CA LEU A 1115 11.87 19.95 19.23
C LEU A 1115 12.52 19.50 17.93
N GLU A 1116 12.53 20.39 16.91
CA GLU A 1116 13.20 20.05 15.67
C GLU A 1116 14.70 19.84 15.88
N ASP A 1117 15.34 20.74 16.62
CA ASP A 1117 16.76 20.60 16.93
C ASP A 1117 17.02 19.35 17.76
N LEU A 1118 16.10 18.99 18.65
CA LEU A 1118 16.25 17.78 19.43
C LEU A 1118 16.18 16.54 18.54
N ILE A 1119 15.29 16.54 17.55
CA ILE A 1119 15.24 15.44 16.60
C ILE A 1119 16.55 15.35 15.81
N THR A 1120 17.09 16.51 15.42
CA THR A 1120 18.37 16.52 14.73
C THR A 1120 19.48 15.92 15.59
N VAL A 1121 19.52 16.29 16.87
CA VAL A 1121 20.52 15.75 17.79
C VAL A 1121 20.34 14.24 17.94
N ALA A 1122 19.10 13.79 18.06
CA ALA A 1122 18.83 12.36 18.23
C ALA A 1122 19.29 11.57 17.02
N CYS A 1123 19.06 12.09 15.81
CA CYS A 1123 19.53 11.38 14.63
C CYS A 1123 21.04 11.47 14.48
N ASP A 1124 21.65 12.56 14.95
CA ASP A 1124 23.11 12.66 14.89
C ASP A 1124 23.77 11.62 15.78
N ASN A 1125 23.25 11.41 16.98
CA ASN A 1125 23.80 10.42 17.91
C ASN A 1125 22.67 9.60 18.52
N PRO A 1126 22.21 8.56 17.83
CA PRO A 1126 21.12 7.74 18.38
C PRO A 1126 21.44 7.07 19.70
N SER A 1127 22.71 6.72 19.94
CA SER A 1127 23.06 5.98 21.14
C SER A 1127 22.97 6.80 22.42
N ASP A 1128 23.09 8.12 22.32
CA ASP A 1128 23.11 9.00 23.49
C ASP A 1128 21.84 9.84 23.61
N ILE A 1129 20.71 9.35 23.11
CA ILE A 1129 19.49 10.14 23.17
C ILE A 1129 18.92 10.14 24.59
N LEU A 1130 19.29 9.16 25.42
CA LEU A 1130 18.80 9.11 26.78
C LEU A 1130 19.69 9.86 27.75
N ARG A 1131 20.85 10.32 27.30
CA ARG A 1131 21.75 11.17 28.08
C ARG A 1131 22.14 12.32 27.18
N LEU A 1132 21.32 13.37 27.17
CA LEU A 1132 21.58 14.54 26.35
C LEU A 1132 22.23 15.63 27.19
N GLU A 1133 22.43 16.78 26.55
CA GLU A 1133 22.82 17.97 27.29
C GLU A 1133 21.67 18.44 28.17
N GLU A 1134 22.00 19.19 29.21
CA GLU A 1134 20.98 19.64 30.16
C GLU A 1134 19.92 20.53 29.51
N PRO A 1135 20.23 21.42 28.56
CA PRO A 1135 19.12 22.16 27.92
C PRO A 1135 18.10 21.26 27.25
N TYR A 1136 18.57 20.21 26.57
CA TYR A 1136 17.65 19.33 25.87
C TYR A 1136 16.90 18.41 26.84
N ALA A 1137 17.55 18.02 27.93
CA ALA A 1137 16.84 17.25 28.95
C ALA A 1137 15.73 18.09 29.58
N GLN A 1138 16.03 19.37 29.87
CA GLN A 1138 15.00 20.27 30.38
C GLN A 1138 13.89 20.46 29.37
N LEU A 1139 14.24 20.54 28.09
CA LEU A 1139 13.22 20.63 27.04
C LEU A 1139 12.32 19.41 27.04
N VAL A 1140 12.90 18.22 27.18
CA VAL A 1140 12.09 17.00 27.22
C VAL A 1140 11.14 17.02 28.40
N LYS A 1141 11.65 17.38 29.58
CA LYS A 1141 10.79 17.41 30.76
C LYS A 1141 9.67 18.45 30.64
N VAL A 1142 9.99 19.63 30.12
CA VAL A 1142 8.96 20.66 30.00
C VAL A 1142 7.94 20.29 28.93
N VAL A 1143 8.36 19.59 27.88
CA VAL A 1143 7.40 19.14 26.88
C VAL A 1143 6.48 18.09 27.49
N LYS A 1144 7.02 17.21 28.32
CA LYS A 1144 6.15 16.26 29.02
C LYS A 1144 5.15 16.99 29.92
N ASP A 1145 5.62 18.01 30.63
CA ASP A 1145 4.74 18.77 31.53
C ASP A 1145 3.69 19.56 30.73
N LEU A 1146 4.01 19.96 29.51
CA LEU A 1146 3.03 20.60 28.66
C LEU A 1146 2.07 19.58 28.06
N CYS A 1147 2.51 18.35 27.88
CA CYS A 1147 1.71 17.33 27.23
C CYS A 1147 0.83 16.55 28.19
N VAL A 1148 0.99 16.74 29.50
CA VAL A 1148 0.02 16.14 30.42
C VAL A 1148 -1.38 16.67 30.09
N LYS A 1149 -2.39 15.82 30.34
CA LYS A 1149 -3.74 16.08 29.82
C LYS A 1149 -4.32 17.39 30.34
N SER A 1150 -4.12 17.70 31.61
CA SER A 1150 -4.77 18.85 32.24
C SER A 1150 -3.84 20.05 32.38
N ALA A 1151 -2.82 20.15 31.54
CA ALA A 1151 -1.87 21.25 31.67
C ALA A 1151 -2.49 22.59 31.30
N GLY A 1152 -3.57 22.59 30.52
CA GLY A 1152 -4.21 23.82 30.11
C GLY A 1152 -5.56 24.05 30.75
N ASP A 1153 -5.78 23.43 31.91
CA ASP A 1153 -7.08 23.48 32.58
C ASP A 1153 -7.02 24.25 33.89
N PHE A 1154 -6.07 25.17 34.01
CA PHE A 1154 -5.90 25.91 35.26
C PHE A 1154 -7.04 26.89 35.46
N GLY A 1155 -7.78 26.72 36.56
CA GLY A 1155 -8.90 27.59 36.86
C GLY A 1155 -10.06 27.48 35.91
N LEU A 1156 -10.10 26.45 35.08
CA LEU A 1156 -11.17 26.25 34.10
C LEU A 1156 -11.96 25.00 34.46
N GLN A 1157 -13.29 25.12 34.39
CA GLN A 1157 -14.14 23.96 34.66
C GLN A 1157 -13.94 22.88 33.59
N ARG A 1158 -13.76 23.29 32.34
CA ARG A 1158 -13.56 22.34 31.26
C ARG A 1158 -12.08 22.27 30.86
#